data_3QFW
#
_entry.id   3QFW
#
_cell.length_a   57.440
_cell.length_b   119.217
_cell.length_c   66.856
_cell.angle_alpha   90.00
_cell.angle_beta   115.46
_cell.angle_gamma   90.00
#
_symmetry.space_group_name_H-M   'P 1 21 1'
#
loop_
_entity.id
_entity.type
_entity.pdbx_description
1 polymer 'Ribulose-1,5-bisphosphate carboxylase/oxygenase large subunit'
2 non-polymer 'SULFATE ION'
3 water water
#
_entity_poly.entity_id   1
_entity_poly.type   'polypeptide(L)'
_entity_poly.pdbx_seq_one_letter_code
;MSLTEPRIVATYHIASDAERIEQRALALAIEQSVECPLEAIGDPAIVANIVGRVEDVAELQPGRYAVRIGLAAATAPAEP
GQLLNMLFGNSSIQPDIALADVELPAHYLTAFGGPRVGLAGIRTLTGAQSRALTASALKPQGLSPAALASIAHQLALGGV
DLIKDDHGLADQAFSPFAERAAAVGKAVREANAARGGRTLYAPNISGTLDDMRRQLGVIRDEGIGAVLVAPMIVGVSNFH
AIVKEAAGLVVVAHPAMAGAAKIAAPLLLGRLFRLFGADATVFPNYGGRFAYSTASCLALAQAARDPFGKLNACIPTPAG
GIMLQRVNELLRFYGQDVMLLIGGSLLASRERLTEQASRFVNKVADYGQREGHHHHHH
;
_entity_poly.pdbx_strand_id   A,B
#
loop_
_chem_comp.id
_chem_comp.type
_chem_comp.name
_chem_comp.formula
SO4 non-polymer 'SULFATE ION' 'O4 S -2'
#
# COMPACT_ATOMS: atom_id res chain seq x y z
N THR A 4 11.81 18.94 -25.25
CA THR A 4 11.92 17.56 -24.78
C THR A 4 12.18 17.51 -23.27
N GLU A 5 11.14 17.25 -22.51
CA GLU A 5 11.28 17.14 -21.06
C GLU A 5 11.88 15.79 -20.68
N PRO A 6 12.91 15.81 -19.81
CA PRO A 6 13.60 14.62 -19.32
C PRO A 6 12.62 13.59 -18.73
N ARG A 7 12.93 12.31 -18.96
CA ARG A 7 12.05 11.24 -18.53
C ARG A 7 12.50 10.69 -17.19
N ILE A 8 11.58 9.99 -16.53
CA ILE A 8 11.90 9.21 -15.36
C ILE A 8 12.47 7.91 -15.90
N VAL A 9 13.61 7.50 -15.37
CA VAL A 9 14.22 6.24 -15.77
C VAL A 9 14.12 5.23 -14.63
N ALA A 10 13.15 4.32 -14.76
CA ALA A 10 12.96 3.28 -13.76
C ALA A 10 13.68 2.01 -14.17
N THR A 11 14.37 1.39 -13.22
CA THR A 11 15.01 0.11 -13.45
C THR A 11 14.25 -1.05 -12.80
N TYR A 12 13.87 -2.03 -13.62
CA TYR A 12 13.16 -3.21 -13.13
C TYR A 12 14.00 -4.46 -13.30
N HIS A 13 13.80 -5.40 -12.39
CA HIS A 13 14.47 -6.69 -12.50
C HIS A 13 13.42 -7.72 -12.89
N ILE A 14 13.73 -8.47 -13.94
CA ILE A 14 12.77 -9.35 -14.54
C ILE A 14 13.28 -10.78 -14.63
N ALA A 15 12.43 -11.71 -14.18
CA ALA A 15 12.68 -13.14 -14.36
C ALA A 15 12.16 -13.54 -15.73
N SER A 16 13.07 -13.83 -16.66
CA SER A 16 12.69 -14.15 -18.03
C SER A 16 13.77 -14.92 -18.77
N ASP A 17 13.40 -15.51 -19.91
CA ASP A 17 14.34 -16.21 -20.75
C ASP A 17 14.96 -15.22 -21.74
N ALA A 18 16.02 -15.62 -22.42
CA ALA A 18 16.62 -14.76 -23.43
C ALA A 18 15.69 -14.59 -24.62
N GLU A 19 14.85 -15.59 -24.86
CA GLU A 19 13.94 -15.59 -26.01
C GLU A 19 12.77 -14.62 -25.83
N ARG A 20 12.31 -14.47 -24.59
CA ARG A 20 11.10 -13.69 -24.32
C ARG A 20 11.40 -12.33 -23.67
N ILE A 21 12.64 -12.14 -23.23
CA ILE A 21 13.00 -10.93 -22.48
C ILE A 21 12.77 -9.63 -23.24
N GLU A 22 13.20 -9.57 -24.50
CA GLU A 22 13.00 -8.36 -25.30
C GLU A 22 11.52 -8.00 -25.38
N GLN A 23 10.69 -8.99 -25.68
CA GLN A 23 9.24 -8.83 -25.74
C GLN A 23 8.66 -8.43 -24.39
N ARG A 24 9.07 -9.15 -23.35
CA ARG A 24 8.62 -8.86 -22.00
C ARG A 24 8.94 -7.42 -21.61
N ALA A 25 10.11 -6.95 -22.03
CA ALA A 25 10.53 -5.59 -21.71
C ALA A 25 9.62 -4.57 -22.39
N LEU A 26 9.30 -4.81 -23.66
CA LEU A 26 8.41 -3.93 -24.38
C LEU A 26 7.04 -3.88 -23.70
N ALA A 27 6.53 -5.05 -23.34
CA ALA A 27 5.23 -5.14 -22.67
C ALA A 27 5.24 -4.37 -21.36
N LEU A 28 6.36 -4.46 -20.65
CA LEU A 28 6.58 -3.68 -19.43
C LEU A 28 6.45 -2.18 -19.70
N ALA A 29 7.19 -1.70 -20.70
CA ALA A 29 7.13 -0.28 -21.08
C ALA A 29 5.70 0.19 -21.34
N ILE A 30 4.91 -0.65 -22.01
CA ILE A 30 3.50 -0.37 -22.26
C ILE A 30 2.66 -0.39 -20.98
N GLU A 31 2.80 -1.46 -20.20
CA GLU A 31 2.06 -1.62 -18.95
C GLU A 31 2.17 -0.42 -18.00
N GLN A 32 3.35 0.17 -17.93
CA GLN A 32 3.56 1.32 -17.04
C GLN A 32 3.42 2.63 -17.81
N SER A 33 2.74 2.54 -18.94
CA SER A 33 2.50 3.72 -19.76
C SER A 33 1.04 3.82 -20.15
N VAL A 34 0.79 3.55 -21.42
CA VAL A 34 -0.53 3.72 -22.00
C VAL A 34 -1.42 2.52 -21.74
N GLU A 35 -0.79 1.36 -21.52
CA GLU A 35 -1.53 0.17 -21.18
C GLU A 35 -2.54 -0.10 -22.31
N CYS A 36 -2.08 0.13 -23.53
CA CYS A 36 -2.87 0.00 -24.77
C CYS A 36 -2.13 -0.90 -25.72
N PRO A 37 -2.86 -1.60 -26.61
CA PRO A 37 -2.16 -2.06 -27.80
C PRO A 37 -1.81 -0.83 -28.63
N LEU A 38 -0.71 -0.87 -29.38
CA LEU A 38 -0.33 0.28 -30.20
C LEU A 38 -1.43 0.61 -31.23
N GLU A 39 -2.14 -0.42 -31.70
CA GLU A 39 -3.26 -0.20 -32.64
C GLU A 39 -4.34 0.69 -32.04
N ALA A 40 -4.39 0.76 -30.72
CA ALA A 40 -5.42 1.54 -30.04
C ALA A 40 -5.05 3.02 -29.95
N ILE A 41 -3.88 3.37 -30.45
CA ILE A 41 -3.44 4.77 -30.41
C ILE A 41 -3.39 5.37 -31.80
N ASN A 49 4.94 12.21 -26.47
CA ASN A 49 5.78 11.04 -26.29
C ASN A 49 5.48 10.37 -24.94
N ILE A 50 4.45 9.52 -24.95
CA ILE A 50 3.86 8.97 -23.73
C ILE A 50 4.19 7.50 -23.53
N VAL A 51 4.09 6.71 -24.58
CA VAL A 51 4.49 5.30 -24.50
C VAL A 51 5.87 5.22 -23.83
N GLY A 52 6.03 4.26 -22.92
CA GLY A 52 7.32 4.09 -22.24
C GLY A 52 8.37 3.59 -23.21
N ARG A 53 9.60 4.04 -23.02
CA ARG A 53 10.71 3.62 -23.86
C ARG A 53 11.57 2.61 -23.12
N VAL A 54 11.80 1.45 -23.74
CA VAL A 54 12.84 0.55 -23.25
C VAL A 54 14.20 1.16 -23.58
N GLU A 55 14.88 1.70 -22.58
CA GLU A 55 16.15 2.36 -22.78
C GLU A 55 17.28 1.35 -22.87
N ASP A 56 17.15 0.26 -22.13
CA ASP A 56 18.23 -0.71 -22.02
C ASP A 56 17.76 -2.06 -21.47
N VAL A 57 18.37 -3.13 -21.98
CA VAL A 57 18.18 -4.45 -21.42
C VAL A 57 19.52 -5.14 -21.18
N ALA A 58 19.75 -5.60 -19.95
CA ALA A 58 20.99 -6.27 -19.63
C ALA A 58 20.77 -7.55 -18.85
N GLU A 59 21.63 -8.54 -19.12
CA GLU A 59 21.60 -9.80 -18.40
C GLU A 59 22.38 -9.67 -17.09
N LEU A 60 21.68 -9.85 -15.97
CA LEU A 60 22.35 -9.88 -14.68
C LEU A 60 22.94 -11.26 -14.47
N GLN A 61 22.04 -12.25 -14.42
CA GLN A 61 22.42 -13.65 -14.40
C GLN A 61 21.52 -14.34 -15.42
N PRO A 62 21.85 -15.58 -15.79
CA PRO A 62 20.92 -16.30 -16.65
C PRO A 62 19.55 -16.33 -16.00
N GLY A 63 18.53 -15.86 -16.73
CA GLY A 63 17.17 -15.83 -16.21
C GLY A 63 16.79 -14.53 -15.51
N ARG A 64 17.75 -13.63 -15.35
CA ARG A 64 17.49 -12.39 -14.65
C ARG A 64 18.04 -11.19 -15.40
N TYR A 65 17.14 -10.29 -15.82
CA TYR A 65 17.54 -9.11 -16.57
C TYR A 65 17.22 -7.84 -15.82
N ALA A 66 18.08 -6.83 -15.98
CA ALA A 66 17.76 -5.49 -15.55
C ALA A 66 17.26 -4.70 -16.75
N VAL A 67 16.07 -4.13 -16.62
CA VAL A 67 15.47 -3.36 -17.71
C VAL A 67 15.29 -1.91 -17.29
N ARG A 68 15.87 -1.01 -18.08
CA ARG A 68 15.71 0.42 -17.85
C ARG A 68 14.63 0.97 -18.77
N ILE A 69 13.61 1.58 -18.16
CA ILE A 69 12.50 2.11 -18.92
C ILE A 69 12.41 3.61 -18.74
N GLY A 70 12.27 4.33 -19.84
CA GLY A 70 12.11 5.77 -19.81
C GLY A 70 10.64 6.11 -19.81
N LEU A 71 10.16 6.64 -18.69
CA LEU A 71 8.75 6.99 -18.53
C LEU A 71 8.57 8.50 -18.64
N ALA A 72 7.61 8.91 -19.46
CA ALA A 72 7.33 10.33 -19.63
C ALA A 72 6.94 10.98 -18.30
N ALA A 73 7.64 12.04 -17.93
CA ALA A 73 7.36 12.73 -16.67
C ALA A 73 5.93 13.26 -16.61
N ALA A 74 5.35 13.54 -17.76
CA ALA A 74 4.03 14.12 -17.82
C ALA A 74 2.98 13.18 -17.23
N THR A 75 3.24 11.88 -17.31
CA THR A 75 2.31 10.88 -16.79
C THR A 75 2.35 10.78 -15.27
N ALA A 76 3.45 11.25 -14.68
CA ALA A 76 3.61 11.13 -13.24
C ALA A 76 3.99 12.46 -12.62
N PRO A 77 2.99 13.26 -12.23
CA PRO A 77 3.21 14.51 -11.51
C PRO A 77 3.96 14.23 -10.20
N ALA A 78 4.50 15.27 -9.57
CA ALA A 78 5.17 15.12 -8.29
C ALA A 78 4.16 14.96 -7.16
N GLU A 79 3.50 13.80 -7.18
CA GLU A 79 2.40 13.45 -6.29
C GLU A 79 2.67 11.99 -5.90
N PRO A 80 3.02 11.72 -4.63
CA PRO A 80 3.63 10.43 -4.26
C PRO A 80 2.85 9.21 -4.75
N GLY A 81 1.57 9.14 -4.42
CA GLY A 81 0.73 8.03 -4.84
C GLY A 81 0.72 7.80 -6.36
N GLN A 82 0.54 8.87 -7.11
CA GLN A 82 0.53 8.79 -8.57
C GLN A 82 1.88 8.40 -9.15
N LEU A 83 2.97 8.85 -8.51
CA LEU A 83 4.30 8.47 -8.94
C LEU A 83 4.46 6.96 -8.75
N LEU A 84 4.06 6.46 -7.57
CA LEU A 84 4.14 5.04 -7.32
C LEU A 84 3.25 4.30 -8.33
N ASN A 85 2.05 4.83 -8.55
CA ASN A 85 1.14 4.32 -9.58
C ASN A 85 1.85 4.10 -10.92
N MET A 86 2.46 5.15 -11.46
CA MET A 86 3.09 5.04 -12.77
C MET A 86 4.37 4.18 -12.74
N LEU A 87 5.04 4.12 -11.60
CA LEU A 87 6.24 3.30 -11.50
C LEU A 87 5.93 1.81 -11.47
N PHE A 88 4.87 1.42 -10.77
CA PHE A 88 4.70 0.01 -10.46
C PHE A 88 3.27 -0.40 -10.15
N GLY A 89 2.32 0.50 -10.41
CA GLY A 89 0.93 0.21 -10.10
C GLY A 89 0.47 -1.14 -10.59
N ASN A 90 0.42 -1.29 -11.92
CA ASN A 90 -0.04 -2.52 -12.56
C ASN A 90 0.97 -3.65 -12.43
N SER A 91 2.24 -3.33 -12.64
CA SER A 91 3.25 -4.38 -12.74
C SER A 91 3.47 -5.07 -11.40
N SER A 92 2.99 -4.44 -10.34
CA SER A 92 3.13 -5.05 -9.02
C SER A 92 2.29 -6.30 -8.95
N ILE A 93 1.34 -6.44 -9.87
CA ILE A 93 0.46 -7.62 -9.91
C ILE A 93 1.14 -8.81 -10.57
N GLN A 94 2.18 -8.54 -11.36
CA GLN A 94 2.89 -9.61 -12.05
C GLN A 94 3.95 -10.21 -11.15
N PRO A 95 4.16 -11.53 -11.26
CA PRO A 95 5.06 -12.28 -10.38
C PRO A 95 6.51 -12.33 -10.86
N ASP A 96 6.79 -11.84 -12.06
CA ASP A 96 8.13 -11.95 -12.63
C ASP A 96 8.95 -10.65 -12.60
N ILE A 97 8.42 -9.63 -11.92
CA ILE A 97 9.06 -8.32 -11.96
C ILE A 97 9.22 -7.70 -10.58
N ALA A 98 10.28 -6.92 -10.43
CA ALA A 98 10.49 -6.12 -9.23
C ALA A 98 10.97 -4.75 -9.67
N LEU A 99 10.55 -3.71 -8.95
CA LEU A 99 11.05 -2.37 -9.21
C LEU A 99 12.32 -2.17 -8.38
N ALA A 100 13.45 -1.92 -9.04
CA ALA A 100 14.76 -1.92 -8.39
C ALA A 100 15.34 -0.54 -8.08
N ASP A 101 15.16 0.41 -8.99
CA ASP A 101 15.65 1.76 -8.76
C ASP A 101 14.87 2.75 -9.61
N VAL A 102 15.00 4.03 -9.26
CA VAL A 102 14.37 5.09 -10.04
C VAL A 102 15.29 6.32 -10.08
N GLU A 103 15.56 6.82 -11.29
CA GLU A 103 16.28 8.07 -11.45
C GLU A 103 15.29 9.17 -11.81
N LEU A 104 15.04 10.08 -10.87
CA LEU A 104 14.09 11.16 -11.07
C LEU A 104 14.77 12.44 -11.50
N PRO A 105 14.16 13.16 -12.46
CA PRO A 105 14.53 14.55 -12.77
C PRO A 105 14.61 15.39 -11.50
N ALA A 106 15.57 16.29 -11.45
CA ALA A 106 15.81 17.12 -10.27
C ALA A 106 14.56 17.84 -9.79
N HIS A 107 13.68 18.20 -10.71
CA HIS A 107 12.49 18.94 -10.29
C HIS A 107 11.63 18.12 -9.32
N TYR A 108 11.73 16.79 -9.41
CA TYR A 108 10.99 15.92 -8.47
C TYR A 108 11.57 16.05 -7.06
N LEU A 109 12.89 16.02 -6.96
CA LEU A 109 13.50 16.14 -5.65
C LEU A 109 13.15 17.47 -5.00
N THR A 110 13.11 18.53 -5.79
CA THR A 110 12.86 19.85 -5.24
C THR A 110 11.44 19.96 -4.73
N ALA A 111 10.50 19.41 -5.49
CA ALA A 111 9.09 19.48 -5.15
C ALA A 111 8.75 18.68 -3.89
N PHE A 112 9.25 17.45 -3.80
CA PHE A 112 8.98 16.61 -2.64
C PHE A 112 9.71 17.11 -1.39
N GLY A 113 10.98 17.50 -1.53
CA GLY A 113 11.68 18.22 -0.47
C GLY A 113 12.52 17.41 0.51
N GLY A 114 12.32 16.09 0.54
CA GLY A 114 13.11 15.24 1.40
C GLY A 114 12.92 15.50 2.88
N PRO A 115 13.82 14.95 3.71
CA PRO A 115 13.70 15.06 5.17
C PRO A 115 13.83 16.50 5.64
N ARG A 116 12.89 16.96 6.45
CA ARG A 116 12.94 18.34 6.94
C ARG A 116 13.93 18.51 8.10
N VAL A 117 14.17 17.43 8.85
CA VAL A 117 15.09 17.47 9.98
C VAL A 117 16.39 16.77 9.59
N GLY A 118 16.27 15.53 9.13
CA GLY A 118 17.40 14.81 8.60
C GLY A 118 18.40 14.29 9.64
N LEU A 119 19.42 13.60 9.15
CA LEU A 119 20.46 13.04 9.97
C LEU A 119 21.12 14.13 10.85
N ALA A 120 21.44 15.27 10.23
CA ALA A 120 22.07 16.36 10.96
C ALA A 120 21.18 16.89 12.07
N GLY A 121 19.89 17.06 11.76
CA GLY A 121 18.92 17.60 12.70
C GLY A 121 18.61 16.70 13.88
N ILE A 122 18.48 15.41 13.62
CA ILE A 122 18.31 14.44 14.71
C ILE A 122 19.53 14.43 15.62
N ARG A 123 20.73 14.52 15.04
CA ARG A 123 21.95 14.59 15.84
C ARG A 123 21.87 15.75 16.82
N THR A 124 21.49 16.91 16.31
CA THR A 124 21.39 18.11 17.13
C THR A 124 20.35 17.94 18.23
N LEU A 125 19.18 17.41 17.88
CA LEU A 125 18.10 17.25 18.86
C LEU A 125 18.44 16.23 19.93
N THR A 126 19.29 15.27 19.59
CA THR A 126 19.55 14.13 20.43
C THR A 126 20.79 14.37 21.28
N GLY A 127 21.70 15.20 20.77
CA GLY A 127 22.98 15.44 21.43
C GLY A 127 24.04 14.45 20.99
N ALA A 128 23.75 13.68 19.94
CA ALA A 128 24.73 12.73 19.42
C ALA A 128 25.57 13.40 18.33
N GLN A 129 26.71 13.96 18.73
CA GLN A 129 27.53 14.74 17.81
C GLN A 129 28.11 13.91 16.66
N SER A 130 28.71 12.78 16.97
CA SER A 130 29.36 11.97 15.95
C SER A 130 29.10 10.48 16.12
N ARG A 131 28.83 10.06 17.35
CA ARG A 131 28.55 8.66 17.64
C ARG A 131 27.30 8.17 16.92
N ALA A 132 27.14 6.85 16.81
CA ALA A 132 25.89 6.28 16.33
C ALA A 132 24.82 6.57 17.36
N LEU A 133 23.56 6.49 16.96
CA LEU A 133 22.45 6.70 17.88
C LEU A 133 21.80 5.37 18.25
N THR A 134 20.90 5.42 19.23
CA THR A 134 20.20 4.24 19.73
C THR A 134 18.70 4.47 19.82
N ALA A 135 17.94 3.39 19.60
CA ALA A 135 16.49 3.44 19.71
C ALA A 135 15.97 2.18 20.38
N SER A 136 14.78 2.28 20.95
CA SER A 136 14.07 1.09 21.41
C SER A 136 12.57 1.29 21.20
N ALA A 137 11.83 0.19 21.20
CA ALA A 137 10.40 0.25 20.99
C ALA A 137 9.64 -0.12 22.25
N LEU A 138 8.45 0.46 22.42
CA LEU A 138 7.55 0.14 23.51
C LEU A 138 6.69 -1.07 23.15
N LYS A 139 6.86 -2.14 23.92
CA LYS A 139 6.14 -3.39 23.74
C LYS A 139 6.04 -4.01 25.12
N PRO A 140 5.12 -4.98 25.29
CA PRO A 140 4.19 -5.43 24.26
C PRO A 140 2.95 -4.56 24.17
N GLN A 141 2.34 -4.56 22.99
CA GLN A 141 1.05 -3.95 22.78
C GLN A 141 0.07 -4.61 23.74
N GLY A 142 -0.87 -3.85 24.28
CA GLY A 142 -1.85 -4.41 25.21
C GLY A 142 -1.64 -3.92 26.63
N LEU A 143 -0.50 -3.29 26.88
CA LEU A 143 -0.23 -2.67 28.16
C LEU A 143 -0.99 -1.36 28.26
N SER A 144 -1.25 -0.92 29.48
CA SER A 144 -1.91 0.37 29.68
C SER A 144 -0.91 1.48 29.37
N PRO A 145 -1.42 2.68 29.08
CA PRO A 145 -0.56 3.86 28.89
C PRO A 145 0.44 4.05 30.03
N ALA A 146 0.02 3.75 31.25
CA ALA A 146 0.90 3.92 32.40
C ALA A 146 2.05 2.92 32.40
N ALA A 147 1.74 1.66 32.09
CA ALA A 147 2.78 0.64 32.03
C ALA A 147 3.74 0.87 30.87
N LEU A 148 3.21 1.39 29.75
CA LEU A 148 4.05 1.79 28.61
C LEU A 148 4.93 2.96 29.04
N ALA A 149 4.30 3.95 29.68
CA ALA A 149 5.02 5.11 30.20
C ALA A 149 6.18 4.72 31.10
N SER A 150 5.97 3.75 31.97
CA SER A 150 6.99 3.29 32.91
C SER A 150 8.18 2.69 32.17
N ILE A 151 7.89 1.93 31.12
CA ILE A 151 8.93 1.34 30.29
C ILE A 151 9.73 2.44 29.61
N ALA A 152 9.02 3.41 29.04
CA ALA A 152 9.64 4.56 28.40
C ALA A 152 10.59 5.28 29.34
N HIS A 153 10.18 5.41 30.59
CA HIS A 153 10.98 6.11 31.60
C HIS A 153 12.31 5.38 31.82
N GLN A 154 12.23 4.06 31.98
CA GLN A 154 13.40 3.23 32.19
C GLN A 154 14.36 3.30 31.00
N LEU A 155 13.81 3.20 29.79
CA LEU A 155 14.61 3.33 28.59
C LEU A 155 15.31 4.69 28.52
N ALA A 156 14.54 5.75 28.69
CA ALA A 156 15.09 7.10 28.60
C ALA A 156 16.17 7.35 29.67
N LEU A 157 15.96 6.77 30.85
CA LEU A 157 16.92 6.89 31.94
C LEU A 157 18.28 6.31 31.55
N GLY A 158 18.27 5.38 30.60
CA GLY A 158 19.49 4.71 30.15
C GLY A 158 20.23 5.45 29.05
N GLY A 159 19.63 6.53 28.58
CA GLY A 159 20.26 7.37 27.58
C GLY A 159 19.98 7.03 26.12
N VAL A 160 18.98 6.17 25.90
CA VAL A 160 18.51 5.82 24.54
C VAL A 160 18.06 7.09 23.83
N ASP A 161 18.52 7.30 22.59
CA ASP A 161 18.19 8.52 21.84
C ASP A 161 16.74 8.67 21.38
N LEU A 162 16.11 7.56 20.98
CA LEU A 162 14.75 7.61 20.47
C LEU A 162 13.91 6.42 20.94
N ILE A 163 12.73 6.73 21.45
CA ILE A 163 11.75 5.74 21.89
C ILE A 163 10.56 5.77 20.94
N LYS A 164 10.29 4.65 20.29
CA LYS A 164 9.19 4.60 19.34
C LYS A 164 8.09 3.67 19.85
N ASP A 165 6.85 3.97 19.48
CA ASP A 165 5.77 3.03 19.68
C ASP A 165 6.07 1.76 18.91
N ASP A 166 5.64 0.63 19.43
CA ASP A 166 5.52 -0.55 18.59
C ASP A 166 4.68 -0.10 17.38
N HIS A 167 5.03 -0.58 16.19
CA HIS A 167 4.34 -0.14 14.99
C HIS A 167 2.90 -0.63 15.02
N GLY A 168 2.65 -1.61 15.88
CA GLY A 168 1.34 -2.19 16.06
C GLY A 168 0.44 -1.36 16.95
N LEU A 169 1.02 -0.44 17.70
CA LEU A 169 0.23 0.44 18.56
C LEU A 169 -0.42 1.52 17.72
N ALA A 170 -1.73 1.64 17.84
CA ALA A 170 -2.48 2.65 17.11
C ALA A 170 -3.42 3.38 18.05
N ASP A 171 -4.71 3.06 17.98
CA ASP A 171 -5.69 3.77 18.80
C ASP A 171 -6.63 2.77 19.48
N GLN A 172 -6.09 1.62 19.87
CA GLN A 172 -6.87 0.57 20.51
C GLN A 172 -7.40 0.97 21.88
N ALA A 173 -8.48 0.32 22.30
CA ALA A 173 -9.11 0.60 23.58
C ALA A 173 -8.13 0.47 24.75
N PHE A 174 -7.30 -0.57 24.71
CA PHE A 174 -6.41 -0.86 25.83
C PHE A 174 -5.32 0.20 26.05
N SER A 175 -5.15 1.09 25.07
CA SER A 175 -4.17 2.17 25.20
C SER A 175 -4.33 3.19 24.08
N PRO A 176 -5.41 3.99 24.14
CA PRO A 176 -5.79 4.97 23.11
C PRO A 176 -4.66 5.95 22.81
N PHE A 177 -4.57 6.42 21.57
CA PHE A 177 -3.48 7.31 21.18
C PHE A 177 -3.29 8.49 22.13
N ALA A 178 -4.35 9.23 22.41
CA ALA A 178 -4.23 10.43 23.24
C ALA A 178 -3.70 10.10 24.63
N GLU A 179 -4.25 9.05 25.24
N GLU A 179 -4.24 9.05 25.24
CA GLU A 179 -3.84 8.64 26.57
CA GLU A 179 -3.84 8.65 26.58
C GLU A 179 -2.40 8.14 26.61
C GLU A 179 -2.41 8.12 26.62
N ARG A 180 -1.99 7.42 25.57
CA ARG A 180 -0.63 6.88 25.48
C ARG A 180 0.40 7.99 25.30
N ALA A 181 0.15 8.86 24.32
CA ALA A 181 1.07 9.94 24.01
C ALA A 181 1.36 10.79 25.25
N ALA A 182 0.31 11.05 26.01
CA ALA A 182 0.42 11.91 27.19
C ALA A 182 1.27 11.23 28.26
N ALA A 183 0.89 10.01 28.62
CA ALA A 183 1.57 9.26 29.65
C ALA A 183 3.03 8.99 29.30
N VAL A 184 3.29 8.63 28.05
CA VAL A 184 4.64 8.28 27.63
C VAL A 184 5.48 9.52 27.44
N GLY A 185 4.86 10.55 26.85
CA GLY A 185 5.56 11.81 26.61
C GLY A 185 6.00 12.45 27.92
N LYS A 186 5.12 12.42 28.92
CA LYS A 186 5.44 12.92 30.24
C LYS A 186 6.60 12.15 30.85
N ALA A 187 6.54 10.82 30.77
CA ALA A 187 7.57 9.97 31.36
C ALA A 187 8.95 10.17 30.71
N VAL A 188 8.97 10.47 29.42
CA VAL A 188 10.22 10.71 28.73
C VAL A 188 10.80 12.07 29.14
N ARG A 189 9.93 13.07 29.28
CA ARG A 189 10.35 14.37 29.81
C ARG A 189 10.94 14.28 31.22
N GLU A 190 10.29 13.55 32.12
CA GLU A 190 10.79 13.36 33.47
C GLU A 190 12.22 12.83 33.40
N ALA A 191 12.36 11.69 32.73
CA ALA A 191 13.64 11.03 32.55
C ALA A 191 14.68 12.00 32.01
N ASN A 192 14.32 12.76 30.98
CA ASN A 192 15.22 13.76 30.42
C ASN A 192 15.72 14.75 31.49
N ALA A 193 14.80 15.29 32.27
CA ALA A 193 15.13 16.29 33.28
C ALA A 193 16.05 15.74 34.36
N ALA A 194 15.91 14.45 34.66
CA ALA A 194 16.66 13.82 35.74
C ALA A 194 18.11 13.53 35.39
N ARG A 195 18.35 13.07 34.16
CA ARG A 195 19.69 12.68 33.74
C ARG A 195 20.34 13.72 32.82
N GLY A 196 19.64 14.82 32.57
CA GLY A 196 20.11 15.81 31.61
C GLY A 196 20.06 15.29 30.18
N GLY A 197 19.03 14.52 29.87
CA GLY A 197 18.93 13.87 28.58
C GLY A 197 18.14 14.61 27.51
N ARG A 198 18.21 14.09 26.29
CA ARG A 198 17.46 14.66 25.18
C ARG A 198 16.78 13.54 24.38
N THR A 199 16.32 12.53 25.10
CA THR A 199 15.60 11.40 24.49
C THR A 199 14.32 11.86 23.80
N LEU A 200 14.09 11.34 22.59
CA LEU A 200 12.88 11.62 21.81
C LEU A 200 11.84 10.48 21.87
N TYR A 201 10.57 10.85 21.83
CA TYR A 201 9.49 9.87 21.71
C TYR A 201 8.75 9.99 20.37
N ALA A 202 8.57 8.86 19.69
CA ALA A 202 7.86 8.81 18.42
C ALA A 202 6.64 7.89 18.51
N PRO A 203 5.47 8.45 18.84
CA PRO A 203 4.22 7.68 18.87
C PRO A 203 3.72 7.37 17.46
N ASN A 204 3.10 6.21 17.27
CA ASN A 204 2.66 5.80 15.95
C ASN A 204 1.31 6.41 15.60
N ILE A 205 1.29 7.26 14.57
CA ILE A 205 0.02 7.83 14.10
C ILE A 205 -0.54 7.06 12.90
N SER A 206 -1.86 6.96 12.80
CA SER A 206 -2.45 6.11 11.78
C SER A 206 -3.93 6.42 11.48
N GLY A 207 -4.56 5.57 10.67
CA GLY A 207 -5.95 5.78 10.29
C GLY A 207 -6.04 6.60 9.01
N THR A 208 -7.12 7.36 8.86
CA THR A 208 -7.27 8.24 7.69
C THR A 208 -6.41 9.47 7.90
N LEU A 209 -6.34 10.32 6.88
CA LEU A 209 -5.61 11.58 7.01
C LEU A 209 -6.21 12.42 8.13
N ASP A 210 -7.53 12.34 8.30
CA ASP A 210 -8.20 13.01 9.42
C ASP A 210 -7.69 12.45 10.75
N ASP A 211 -7.63 11.13 10.86
CA ASP A 211 -7.11 10.53 12.09
C ASP A 211 -5.68 10.98 12.35
N MET A 212 -4.85 10.97 11.30
CA MET A 212 -3.44 11.32 11.45
C MET A 212 -3.24 12.76 11.92
N ARG A 213 -3.99 13.70 11.36
CA ARG A 213 -3.85 15.10 11.74
C ARG A 213 -4.30 15.35 13.18
N ARG A 214 -5.33 14.63 13.62
CA ARG A 214 -5.80 14.72 14.99
C ARG A 214 -4.72 14.22 15.95
N GLN A 215 -4.10 13.10 15.58
CA GLN A 215 -3.08 12.49 16.42
C GLN A 215 -1.82 13.36 16.41
N LEU A 216 -1.53 13.96 15.26
CA LEU A 216 -0.40 14.89 15.15
C LEU A 216 -0.64 16.08 16.06
N GLY A 217 -1.89 16.53 16.09
CA GLY A 217 -2.29 17.62 16.97
C GLY A 217 -2.04 17.31 18.43
N VAL A 218 -2.27 16.06 18.83
CA VAL A 218 -2.03 15.63 20.20
C VAL A 218 -0.52 15.63 20.50
N ILE A 219 0.27 15.15 19.55
CA ILE A 219 1.72 15.13 19.68
C ILE A 219 2.26 16.54 19.94
N ARG A 220 1.83 17.49 19.12
CA ARG A 220 2.30 18.87 19.27
C ARG A 220 1.82 19.49 20.58
N ASP A 221 0.59 19.19 20.96
CA ASP A 221 0.06 19.72 22.21
C ASP A 221 0.78 19.17 23.43
N GLU A 222 1.26 17.94 23.33
CA GLU A 222 2.00 17.31 24.41
C GLU A 222 3.49 17.68 24.42
N GLY A 223 3.95 18.34 23.36
CA GLY A 223 5.34 18.75 23.27
C GLY A 223 6.28 17.61 22.93
N ILE A 224 5.75 16.58 22.27
CA ILE A 224 6.54 15.43 21.85
C ILE A 224 7.32 15.80 20.59
N GLY A 225 8.53 15.27 20.47
CA GLY A 225 9.45 15.72 19.42
C GLY A 225 9.60 14.87 18.19
N ALA A 226 8.92 13.72 18.16
CA ALA A 226 8.96 12.88 16.97
C ALA A 226 7.63 12.17 16.70
N VAL A 227 7.55 11.53 15.54
CA VAL A 227 6.34 10.80 15.11
C VAL A 227 6.75 9.57 14.33
N LEU A 228 5.97 8.50 14.44
CA LEU A 228 6.21 7.26 13.71
C LEU A 228 5.08 7.05 12.71
N VAL A 229 5.41 6.72 11.47
CA VAL A 229 4.39 6.48 10.45
C VAL A 229 4.80 5.35 9.53
N ALA A 230 3.83 4.50 9.18
CA ALA A 230 4.05 3.48 8.15
C ALA A 230 3.46 3.97 6.83
N PRO A 231 4.31 4.51 5.94
CA PRO A 231 3.80 5.15 4.72
C PRO A 231 2.95 4.20 3.88
N MET A 232 3.31 2.93 3.85
CA MET A 232 2.61 1.99 2.98
C MET A 232 1.26 1.56 3.54
N ILE A 233 1.06 1.82 4.83
CA ILE A 233 -0.24 1.62 5.44
C ILE A 233 -1.14 2.81 5.16
N VAL A 234 -0.61 4.01 5.41
CA VAL A 234 -1.44 5.22 5.41
C VAL A 234 -1.56 5.87 4.04
N GLY A 235 -0.79 5.37 3.07
CA GLY A 235 -0.78 5.93 1.74
C GLY A 235 0.35 6.95 1.65
N VAL A 236 1.26 6.77 0.70
CA VAL A 236 2.41 7.67 0.62
C VAL A 236 2.01 9.13 0.41
N SER A 237 0.94 9.37 -0.35
CA SER A 237 0.47 10.74 -0.53
C SER A 237 0.10 11.39 0.83
N ASN A 238 -0.56 10.64 1.70
CA ASN A 238 -0.87 11.16 3.03
C ASN A 238 0.32 11.21 3.99
N PHE A 239 1.22 10.25 3.86
CA PHE A 239 2.46 10.33 4.62
C PHE A 239 3.16 11.65 4.29
N HIS A 240 3.20 11.99 3.01
CA HIS A 240 3.91 13.20 2.57
C HIS A 240 3.16 14.45 3.03
N ALA A 241 1.83 14.36 3.08
CA ALA A 241 1.01 15.46 3.58
C ALA A 241 1.30 15.70 5.05
N ILE A 242 1.47 14.63 5.81
CA ILE A 242 1.81 14.75 7.24
C ILE A 242 3.19 15.36 7.42
N VAL A 243 4.15 14.95 6.61
CA VAL A 243 5.51 15.49 6.72
C VAL A 243 5.48 17.01 6.62
N LYS A 244 4.67 17.54 5.71
CA LYS A 244 4.55 18.99 5.57
C LYS A 244 3.90 19.67 6.77
N GLU A 245 3.24 18.88 7.61
CA GLU A 245 2.55 19.42 8.78
C GLU A 245 3.29 19.10 10.09
N ALA A 246 4.41 18.39 9.97
CA ALA A 246 5.14 17.87 11.12
C ALA A 246 5.83 18.94 11.98
N ALA A 247 6.09 20.12 11.40
CA ALA A 247 6.65 21.25 12.15
C ALA A 247 7.88 20.95 13.02
N GLY A 248 8.92 20.38 12.44
CA GLY A 248 10.19 20.22 13.14
C GLY A 248 10.26 18.99 14.03
N LEU A 249 9.21 18.16 13.97
CA LEU A 249 9.20 16.86 14.61
C LEU A 249 10.07 15.93 13.79
N VAL A 250 10.76 15.01 14.46
CA VAL A 250 11.51 14.00 13.74
C VAL A 250 10.48 13.01 13.18
N VAL A 251 10.48 12.81 11.87
CA VAL A 251 9.52 11.86 11.26
C VAL A 251 10.20 10.52 11.02
N VAL A 252 9.74 9.49 11.73
CA VAL A 252 10.35 8.18 11.64
C VAL A 252 9.43 7.30 10.79
N ALA A 253 9.97 6.77 9.69
CA ALA A 253 9.19 5.87 8.86
C ALA A 253 9.36 4.42 9.29
N HIS A 254 8.25 3.65 9.20
CA HIS A 254 8.24 2.23 9.51
C HIS A 254 7.81 1.47 8.24
N PRO A 255 8.36 0.27 8.03
CA PRO A 255 8.15 -0.38 6.74
C PRO A 255 6.91 -1.32 6.69
N ALA A 256 6.02 -1.25 7.67
CA ALA A 256 4.83 -2.11 7.62
C ALA A 256 4.15 -2.09 6.24
N MET A 257 3.86 -3.29 5.72
CA MET A 257 3.24 -3.48 4.39
C MET A 257 4.12 -3.10 3.20
N ALA A 258 5.41 -2.88 3.43
CA ALA A 258 6.29 -2.55 2.33
C ALA A 258 6.44 -3.79 1.43
N LYS A 262 6.48 -5.93 -4.84
CA LYS A 262 7.91 -6.19 -4.87
C LYS A 262 8.68 -4.96 -5.35
N ILE A 263 8.72 -3.95 -4.49
CA ILE A 263 9.64 -2.84 -4.65
C ILE A 263 10.86 -3.10 -3.78
N ALA A 264 12.04 -3.00 -4.37
CA ALA A 264 13.27 -3.31 -3.64
C ALA A 264 13.40 -2.40 -2.42
N ALA A 265 13.82 -2.98 -1.30
CA ALA A 265 13.86 -2.26 -0.02
C ALA A 265 14.77 -1.02 -0.05
N PRO A 266 15.95 -1.13 -0.66
CA PRO A 266 16.75 0.10 -0.65
C PRO A 266 16.07 1.27 -1.35
N LEU A 267 15.46 1.02 -2.52
CA LEU A 267 14.75 2.06 -3.24
C LEU A 267 13.59 2.61 -2.42
N LEU A 268 12.78 1.72 -1.86
CA LEU A 268 11.57 2.14 -1.17
C LEU A 268 11.82 2.76 0.21
N LEU A 269 12.45 1.99 1.09
CA LEU A 269 12.65 2.40 2.49
C LEU A 269 13.73 3.45 2.59
N GLY A 270 14.69 3.38 1.67
CA GLY A 270 15.81 4.28 1.65
C GLY A 270 15.45 5.53 0.86
N ARG A 271 15.50 5.42 -0.46
CA ARG A 271 15.38 6.60 -1.31
C ARG A 271 14.00 7.24 -1.27
N LEU A 272 12.95 6.44 -1.55
CA LEU A 272 11.62 7.02 -1.65
C LEU A 272 11.06 7.58 -0.35
N PHE A 273 11.17 6.83 0.74
CA PHE A 273 10.73 7.33 2.04
C PHE A 273 11.46 8.64 2.38
N ARG A 274 12.77 8.65 2.17
CA ARG A 274 13.61 9.84 2.33
C ARG A 274 13.08 11.02 1.48
N LEU A 275 12.89 10.75 0.19
CA LEU A 275 12.32 11.73 -0.75
C LEU A 275 11.02 12.33 -0.23
N PHE A 276 10.12 11.48 0.27
CA PHE A 276 8.81 11.94 0.74
C PHE A 276 8.83 12.61 2.11
N GLY A 277 9.94 12.48 2.84
CA GLY A 277 10.15 13.24 4.07
C GLY A 277 10.52 12.49 5.33
N ALA A 278 10.91 11.22 5.22
CA ALA A 278 11.32 10.48 6.40
C ALA A 278 12.69 10.97 6.91
N ASP A 279 12.80 11.26 8.21
CA ASP A 279 14.08 11.67 8.79
C ASP A 279 14.86 10.46 9.30
N ALA A 280 14.15 9.40 9.63
CA ALA A 280 14.77 8.13 9.98
C ALA A 280 13.95 7.05 9.32
N THR A 281 14.58 5.92 9.00
CA THR A 281 13.83 4.84 8.36
C THR A 281 14.16 3.50 8.97
N VAL A 282 13.15 2.84 9.52
CA VAL A 282 13.31 1.54 10.16
C VAL A 282 13.26 0.42 9.11
N PHE A 283 14.15 -0.55 9.25
CA PHE A 283 14.18 -1.70 8.35
C PHE A 283 14.84 -2.87 9.08
N PRO A 284 14.53 -4.09 8.65
CA PRO A 284 15.07 -5.27 9.32
C PRO A 284 16.52 -5.49 8.93
N ASN A 285 17.36 -5.68 9.94
CA ASN A 285 18.78 -5.85 9.72
C ASN A 285 19.00 -7.24 9.13
N TYR A 286 20.11 -7.42 8.42
CA TYR A 286 20.47 -8.75 7.94
C TYR A 286 20.65 -9.68 9.14
N GLY A 287 20.93 -9.08 10.29
CA GLY A 287 21.22 -9.82 11.51
C GLY A 287 20.75 -9.10 12.75
N PHE A 290 15.15 -11.38 9.74
CA PHE A 290 14.41 -11.39 8.49
C PHE A 290 15.22 -12.01 7.35
N ALA A 291 14.94 -11.57 6.12
CA ALA A 291 15.58 -12.17 4.96
C ALA A 291 16.42 -11.19 4.13
N TYR A 292 16.59 -9.95 4.62
CA TYR A 292 17.41 -8.97 3.91
C TYR A 292 18.87 -9.40 3.81
N SER A 293 19.44 -9.27 2.62
CA SER A 293 20.83 -9.60 2.41
C SER A 293 21.69 -8.47 2.95
N THR A 294 22.97 -8.75 3.17
CA THR A 294 23.90 -7.71 3.61
C THR A 294 23.99 -6.66 2.52
N ALA A 295 24.03 -7.11 1.26
CA ALA A 295 24.08 -6.19 0.13
C ALA A 295 22.90 -5.22 0.15
N SER A 296 21.70 -5.75 0.35
CA SER A 296 20.49 -4.92 0.43
C SER A 296 20.53 -3.94 1.61
N CYS A 297 20.95 -4.41 2.77
CA CYS A 297 21.03 -3.52 3.93
C CYS A 297 22.02 -2.39 3.68
N LEU A 298 23.18 -2.70 3.12
CA LEU A 298 24.17 -1.64 2.85
C LEU A 298 23.62 -0.63 1.83
N ALA A 299 23.00 -1.15 0.76
CA ALA A 299 22.45 -0.28 -0.27
C ALA A 299 21.35 0.61 0.28
N LEU A 300 20.57 0.09 1.22
CA LEU A 300 19.47 0.84 1.83
C LEU A 300 20.04 1.98 2.66
N ALA A 301 21.07 1.65 3.43
CA ALA A 301 21.76 2.66 4.23
C ALA A 301 22.29 3.77 3.31
N GLN A 302 22.90 3.38 2.20
CA GLN A 302 23.46 4.35 1.26
C GLN A 302 22.38 5.20 0.58
N ALA A 303 21.27 4.56 0.20
CA ALA A 303 20.19 5.29 -0.42
C ALA A 303 19.67 6.34 0.55
N ALA A 304 19.67 6.00 1.83
CA ALA A 304 19.16 6.92 2.84
C ALA A 304 20.13 8.07 3.09
N ARG A 305 21.43 7.80 3.04
CA ARG A 305 22.42 8.77 3.52
C ARG A 305 23.16 9.57 2.47
N ASP A 306 23.35 8.99 1.29
CA ASP A 306 24.26 9.57 0.31
C ASP A 306 23.69 10.80 -0.41
N PRO A 307 24.56 11.57 -1.09
CA PRO A 307 24.05 12.72 -1.86
C PRO A 307 22.85 12.36 -2.73
N PHE A 308 21.85 13.24 -2.74
CA PHE A 308 20.59 13.01 -3.43
C PHE A 308 19.98 14.40 -3.66
N GLY A 309 20.26 14.98 -4.82
CA GLY A 309 20.00 16.40 -5.00
C GLY A 309 20.52 17.21 -3.82
N LYS A 310 19.75 18.22 -3.41
CA LYS A 310 20.07 19.04 -2.25
C LYS A 310 19.39 18.50 -0.98
N LEU A 311 18.85 17.29 -1.06
CA LEU A 311 18.06 16.73 0.04
C LEU A 311 18.87 16.25 1.24
N ASN A 312 18.35 16.50 2.43
CA ASN A 312 18.97 16.00 3.66
C ASN A 312 19.04 14.49 3.68
N ALA A 313 20.01 13.97 4.42
CA ALA A 313 20.11 12.53 4.64
C ALA A 313 19.02 12.09 5.62
N CYS A 314 18.60 10.83 5.47
CA CYS A 314 17.67 10.18 6.39
C CYS A 314 18.46 9.12 7.15
N ILE A 315 18.32 9.05 8.48
CA ILE A 315 19.14 8.08 9.22
C ILE A 315 18.60 6.66 9.14
N PRO A 316 19.41 5.73 8.62
CA PRO A 316 19.02 4.32 8.57
C PRO A 316 18.89 3.77 9.98
N THR A 317 17.79 3.09 10.24
CA THR A 317 17.52 2.59 11.58
C THR A 317 17.27 1.09 11.55
N PRO A 318 18.35 0.29 11.55
CA PRO A 318 18.18 -1.16 11.47
C PRO A 318 17.60 -1.74 12.74
N ALA A 319 16.84 -2.81 12.56
CA ALA A 319 16.16 -3.47 13.66
C ALA A 319 16.30 -4.97 13.49
N GLY A 320 16.57 -5.63 14.60
CA GLY A 320 16.72 -7.08 14.62
C GLY A 320 17.11 -7.47 16.01
N GLY A 321 17.51 -8.74 16.18
CA GLY A 321 17.95 -9.22 17.47
C GLY A 321 19.24 -8.54 17.89
N ILE A 322 19.25 -7.21 17.79
CA ILE A 322 20.44 -6.42 18.09
C ILE A 322 20.80 -6.53 19.57
N MET A 323 21.90 -7.21 19.87
CA MET A 323 22.31 -7.42 21.25
C MET A 323 23.58 -6.64 21.58
N LEU A 324 23.96 -6.65 22.86
CA LEU A 324 25.19 -5.98 23.25
C LEU A 324 26.34 -6.56 22.44
N GLN A 325 26.27 -7.86 22.13
CA GLN A 325 27.34 -8.53 21.39
C GLN A 325 27.32 -8.23 19.90
N ARG A 326 26.37 -7.43 19.44
CA ARG A 326 26.23 -7.15 18.02
C ARG A 326 26.64 -5.72 17.67
N VAL A 327 26.70 -4.87 18.68
CA VAL A 327 26.95 -3.44 18.47
C VAL A 327 28.17 -3.11 17.59
N ASN A 328 29.34 -3.64 17.95
CA ASN A 328 30.54 -3.35 17.15
C ASN A 328 30.48 -3.85 15.71
N GLU A 329 29.97 -5.06 15.52
CA GLU A 329 29.69 -5.57 14.17
C GLU A 329 28.88 -4.54 13.40
N LEU A 330 27.79 -4.08 13.99
CA LEU A 330 26.85 -3.28 13.22
C LEU A 330 27.42 -1.90 12.92
N LEU A 331 28.21 -1.39 13.85
CA LEU A 331 28.85 -0.11 13.64
C LEU A 331 29.99 -0.19 12.63
N ARG A 332 30.68 -1.33 12.57
CA ARG A 332 31.67 -1.52 11.52
C ARG A 332 30.93 -1.62 10.17
N PHE A 333 29.79 -2.29 10.19
CA PHE A 333 29.02 -2.47 8.97
C PHE A 333 28.47 -1.15 8.44
N TYR A 334 27.75 -0.42 9.27
CA TYR A 334 27.03 0.75 8.81
C TYR A 334 27.80 2.06 8.91
N GLY A 335 28.88 2.06 9.66
CA GLY A 335 29.52 3.32 10.01
C GLY A 335 28.70 3.92 11.15
N GLN A 336 29.01 5.14 11.54
CA GLN A 336 28.38 5.73 12.73
C GLN A 336 27.15 6.57 12.42
N ASP A 337 26.88 6.81 11.14
CA ASP A 337 25.66 7.51 10.75
C ASP A 337 24.52 6.49 10.64
N VAL A 338 24.07 6.05 11.80
CA VAL A 338 23.08 4.98 11.91
C VAL A 338 22.44 5.09 13.27
N MET A 339 21.22 4.57 13.40
CA MET A 339 20.57 4.45 14.70
C MET A 339 20.17 2.98 14.88
N LEU A 340 20.82 2.32 15.83
CA LEU A 340 20.53 0.91 16.07
C LEU A 340 19.29 0.76 16.94
N LEU A 341 18.30 0.05 16.43
CA LEU A 341 17.10 -0.19 17.21
C LEU A 341 17.27 -1.42 18.10
N ILE A 342 17.21 -1.21 19.41
CA ILE A 342 17.16 -2.28 20.40
C ILE A 342 17.52 -1.75 21.78
N ARG A 352 16.07 -4.75 35.70
CA ARG A 352 17.03 -3.65 35.48
C ARG A 352 17.11 -3.24 34.02
N LEU A 353 16.02 -2.67 33.51
CA LEU A 353 15.97 -2.22 32.13
C LEU A 353 16.93 -1.05 31.90
N THR A 354 17.00 -0.15 32.88
CA THR A 354 17.88 1.01 32.77
C THR A 354 19.35 0.61 32.71
N GLU A 355 19.78 -0.28 33.61
CA GLU A 355 21.16 -0.74 33.61
C GLU A 355 21.56 -1.38 32.29
N GLN A 356 20.70 -2.24 31.77
CA GLN A 356 20.99 -2.94 30.52
C GLN A 356 20.91 -1.99 29.34
N ALA A 357 19.99 -1.02 29.41
CA ALA A 357 19.90 0.03 28.41
C ALA A 357 21.17 0.87 28.39
N SER A 358 21.58 1.34 29.57
CA SER A 358 22.76 2.18 29.68
C SER A 358 23.96 1.45 29.09
N ARG A 359 24.01 0.15 29.32
CA ARG A 359 25.11 -0.69 28.89
C ARG A 359 25.20 -0.74 27.36
N PHE A 360 24.05 -0.69 26.70
CA PHE A 360 23.99 -0.66 25.25
C PHE A 360 24.45 0.71 24.77
N VAL A 361 23.84 1.74 25.34
CA VAL A 361 24.13 3.11 24.98
C VAL A 361 25.63 3.46 25.14
N ASN A 362 26.24 3.01 26.23
CA ASN A 362 27.67 3.30 26.44
C ASN A 362 28.54 2.56 25.45
N LYS A 363 28.17 1.32 25.14
CA LYS A 363 28.86 0.54 24.11
C LYS A 363 28.87 1.30 22.78
N VAL A 364 27.71 1.82 22.39
CA VAL A 364 27.60 2.59 21.17
C VAL A 364 28.43 3.88 21.24
N ALA A 365 28.34 4.60 22.35
CA ALA A 365 29.13 5.83 22.52
C ALA A 365 30.64 5.57 22.44
N ASP A 366 31.06 4.42 22.94
CA ASP A 366 32.49 4.07 23.03
C ASP A 366 33.12 3.60 21.72
N TYR A 367 32.28 3.30 20.73
CA TYR A 367 32.78 2.79 19.47
C TYR A 367 33.70 3.79 18.78
N GLY A 368 34.87 3.30 18.37
CA GLY A 368 35.75 4.09 17.51
C GLY A 368 36.37 5.26 18.24
N GLN A 369 36.53 5.12 19.55
CA GLN A 369 37.25 6.12 20.32
C GLN A 369 38.30 5.48 21.22
N ARG A 370 39.27 6.28 21.65
CA ARG A 370 40.32 5.84 22.54
C ARG A 370 39.76 5.18 23.79
N GLU A 371 40.36 4.06 24.19
CA GLU A 371 40.00 3.41 25.44
C GLU A 371 40.44 4.27 26.63
N THR B 4 -14.95 -13.56 27.13
CA THR B 4 -13.98 -13.96 26.11
C THR B 4 -14.36 -13.43 24.73
N GLU B 5 -13.67 -12.39 24.29
CA GLU B 5 -13.93 -11.81 22.98
C GLU B 5 -13.39 -12.70 21.86
N PRO B 6 -14.24 -13.03 20.88
CA PRO B 6 -13.88 -13.84 19.70
C PRO B 6 -12.69 -13.26 18.93
N ARG B 7 -11.82 -14.14 18.47
CA ARG B 7 -10.61 -13.72 17.76
C ARG B 7 -10.82 -13.63 16.26
N ILE B 8 -9.92 -12.90 15.60
CA ILE B 8 -9.85 -12.89 14.16
C ILE B 8 -9.03 -14.12 13.81
N VAL B 9 -9.54 -14.97 12.93
CA VAL B 9 -8.70 -16.07 12.48
C VAL B 9 -8.16 -15.85 11.08
N ALA B 10 -6.87 -15.54 11.01
CA ALA B 10 -6.22 -15.31 9.72
C ALA B 10 -5.50 -16.58 9.28
N THR B 11 -5.66 -16.90 8.00
CA THR B 11 -4.95 -18.03 7.41
C THR B 11 -3.78 -17.58 6.52
N TYR B 12 -2.58 -18.11 6.82
CA TYR B 12 -1.38 -17.80 6.05
C TYR B 12 -0.85 -19.05 5.36
N HIS B 13 -0.22 -18.85 4.22
CA HIS B 13 0.43 -19.94 3.52
C HIS B 13 1.93 -19.76 3.61
N ILE B 14 2.61 -20.79 4.09
CA ILE B 14 4.03 -20.68 4.40
C ILE B 14 4.87 -21.72 3.68
N ALA B 15 5.93 -21.26 3.04
CA ALA B 15 6.94 -22.14 2.48
C ALA B 15 7.91 -22.54 3.59
N SER B 16 7.86 -23.81 3.99
CA SER B 16 8.71 -24.28 5.08
C SER B 16 8.90 -25.79 5.07
N ASP B 17 9.85 -26.24 5.89
CA ASP B 17 10.12 -27.67 6.07
C ASP B 17 9.19 -28.21 7.14
N ALA B 18 9.19 -29.52 7.33
CA ALA B 18 8.42 -30.13 8.41
C ALA B 18 9.15 -29.89 9.73
N GLU B 19 10.46 -29.75 9.63
CA GLU B 19 11.30 -29.56 10.81
C GLU B 19 11.08 -28.18 11.43
N ARG B 20 10.89 -27.18 10.58
CA ARG B 20 10.86 -25.79 11.04
C ARG B 20 9.48 -25.14 10.98
N ILE B 21 8.50 -25.85 10.39
CA ILE B 21 7.16 -25.29 10.23
C ILE B 21 6.46 -24.97 11.56
N GLU B 22 6.55 -25.89 12.52
CA GLU B 22 5.98 -25.63 13.84
C GLU B 22 6.57 -24.37 14.47
N GLN B 23 7.91 -24.26 14.44
CA GLN B 23 8.60 -23.08 14.94
C GLN B 23 8.24 -21.82 14.15
N ARG B 24 8.26 -21.94 12.83
CA ARG B 24 7.88 -20.84 11.97
C ARG B 24 6.47 -20.34 12.28
N ALA B 25 5.56 -21.27 12.54
CA ALA B 25 4.19 -20.89 12.83
C ALA B 25 4.09 -20.06 14.12
N LEU B 26 4.84 -20.48 15.14
CA LEU B 26 4.81 -19.75 16.41
C LEU B 26 5.39 -18.35 16.21
N ALA B 27 6.50 -18.28 15.50
CA ALA B 27 7.15 -17.00 15.23
C ALA B 27 6.19 -16.05 14.49
N LEU B 28 5.41 -16.62 13.58
CA LEU B 28 4.38 -15.87 12.87
C LEU B 28 3.33 -15.33 13.84
N ALA B 29 2.88 -16.18 14.76
CA ALA B 29 1.90 -15.74 15.75
C ALA B 29 2.40 -14.54 16.54
N ILE B 30 3.67 -14.58 16.92
CA ILE B 30 4.34 -13.48 17.62
C ILE B 30 4.46 -12.22 16.74
N GLU B 31 5.01 -12.39 15.54
CA GLU B 31 5.23 -11.27 14.63
C GLU B 31 3.98 -10.42 14.40
N GLN B 32 2.83 -11.07 14.33
CA GLN B 32 1.57 -10.37 14.05
C GLN B 32 0.80 -10.10 15.33
N SER B 33 1.52 -10.10 16.44
CA SER B 33 0.93 -9.84 17.74
C SER B 33 1.78 -8.85 18.52
N VAL B 34 2.50 -9.38 19.50
CA VAL B 34 3.27 -8.55 20.41
C VAL B 34 4.64 -8.23 19.84
N GLU B 35 5.14 -9.10 18.97
CA GLU B 35 6.43 -8.88 18.33
C GLU B 35 7.49 -8.69 19.44
N CYS B 36 7.40 -9.54 20.45
CA CYS B 36 8.34 -9.55 21.58
C CYS B 36 8.85 -10.96 21.75
N PRO B 37 10.01 -11.12 22.40
CA PRO B 37 10.20 -12.44 22.98
C PRO B 37 9.17 -12.60 24.11
N LEU B 38 8.78 -13.81 24.45
CA LEU B 38 7.86 -14.01 25.56
C LEU B 38 8.46 -13.55 26.90
N GLU B 39 9.79 -13.54 26.98
CA GLU B 39 10.47 -13.11 28.20
C GLU B 39 10.34 -11.61 28.42
N ALA B 40 9.97 -10.88 27.37
CA ALA B 40 9.83 -9.44 27.45
C ALA B 40 8.46 -9.05 27.99
N ILE B 41 7.62 -10.05 28.23
CA ILE B 41 6.29 -9.80 28.78
C ILE B 41 6.20 -10.23 30.24
N ASN B 49 -4.05 -13.50 26.24
CA ASN B 49 -5.12 -12.78 25.57
C ASN B 49 -4.69 -12.00 24.33
N ILE B 50 -3.45 -11.54 24.32
CA ILE B 50 -2.96 -10.68 23.24
C ILE B 50 -1.99 -11.40 22.29
N VAL B 51 -1.07 -12.19 22.82
CA VAL B 51 -0.23 -13.02 21.98
C VAL B 51 -1.08 -13.83 21.00
N GLY B 52 -0.65 -13.97 19.75
CA GLY B 52 -1.42 -14.72 18.78
C GLY B 52 -1.34 -16.21 19.05
N ARG B 53 -2.42 -16.92 18.79
CA ARG B 53 -2.43 -18.36 18.96
C ARG B 53 -2.30 -19.06 17.62
N VAL B 54 -1.48 -20.10 17.57
CA VAL B 54 -1.49 -21.00 16.41
C VAL B 54 -2.66 -21.97 16.57
N GLU B 55 -3.75 -21.71 15.86
CA GLU B 55 -4.94 -22.55 15.95
C GLU B 55 -4.73 -23.87 15.24
N ASP B 56 -4.00 -23.83 14.13
CA ASP B 56 -3.84 -25.02 13.30
C ASP B 56 -2.66 -24.94 12.34
N VAL B 57 -2.09 -26.09 12.04
CA VAL B 57 -1.09 -26.22 10.99
C VAL B 57 -1.42 -27.42 10.12
N ALA B 58 -1.59 -27.18 8.82
CA ALA B 58 -1.92 -28.24 7.89
C ALA B 58 -0.98 -28.26 6.70
N GLU B 59 -0.77 -29.44 6.12
CA GLU B 59 0.04 -29.56 4.92
C GLU B 59 -0.82 -29.44 3.69
N LEU B 60 -0.53 -28.43 2.88
CA LEU B 60 -1.20 -28.27 1.60
C LEU B 60 -0.53 -29.21 0.61
N GLN B 61 0.78 -29.21 0.65
CA GLN B 61 1.60 -30.11 -0.15
C GLN B 61 2.99 -30.06 0.48
N PRO B 62 3.87 -31.00 0.10
CA PRO B 62 5.20 -30.98 0.72
C PRO B 62 5.86 -29.62 0.52
N GLY B 63 6.31 -29.01 1.62
CA GLY B 63 6.99 -27.73 1.57
C GLY B 63 6.06 -26.54 1.76
N ARG B 64 4.76 -26.77 1.71
CA ARG B 64 3.81 -25.67 1.83
C ARG B 64 2.69 -25.96 2.83
N TYR B 65 2.54 -25.07 3.80
CA TYR B 65 1.59 -25.25 4.89
C TYR B 65 0.57 -24.14 4.94
N ALA B 66 -0.61 -24.47 5.43
CA ALA B 66 -1.60 -23.47 5.79
C ALA B 66 -1.59 -23.36 7.31
N VAL B 67 -1.52 -22.13 7.80
CA VAL B 67 -1.45 -21.90 9.23
C VAL B 67 -2.55 -20.93 9.65
N ARG B 68 -3.41 -21.40 10.54
CA ARG B 68 -4.48 -20.58 11.09
C ARG B 68 -4.01 -19.94 12.40
N ILE B 69 -4.06 -18.62 12.44
CA ILE B 69 -3.66 -17.88 13.63
C ILE B 69 -4.83 -17.11 14.19
N GLY B 70 -5.06 -17.28 15.48
CA GLY B 70 -6.10 -16.55 16.18
C GLY B 70 -5.50 -15.28 16.74
N LEU B 71 -5.98 -14.14 16.24
CA LEU B 71 -5.44 -12.85 16.64
C LEU B 71 -6.44 -12.10 17.51
N ALA B 72 -6.01 -11.65 18.68
CA ALA B 72 -6.88 -10.90 19.57
C ALA B 72 -7.51 -9.72 18.85
N ALA B 73 -8.84 -9.67 18.81
CA ALA B 73 -9.57 -8.56 18.20
C ALA B 73 -9.20 -7.20 18.81
N ALA B 74 -8.80 -7.21 20.08
CA ALA B 74 -8.46 -5.98 20.77
C ALA B 74 -7.36 -5.24 20.04
N THR B 75 -6.45 -5.99 19.42
CA THR B 75 -5.30 -5.40 18.75
C THR B 75 -5.67 -4.71 17.45
N ALA B 76 -6.79 -5.12 16.85
CA ALA B 76 -7.18 -4.52 15.57
C ALA B 76 -8.64 -4.05 15.53
N PRO B 77 -8.87 -2.76 15.87
CA PRO B 77 -10.18 -2.13 15.80
C PRO B 77 -10.69 -2.13 14.37
N ALA B 78 -11.97 -1.88 14.16
CA ALA B 78 -12.54 -1.83 12.81
C ALA B 78 -12.07 -0.57 12.09
N GLU B 79 -10.78 -0.58 11.73
CA GLU B 79 -10.08 0.54 11.14
C GLU B 79 -9.18 -0.06 10.04
N PRO B 80 -9.51 0.18 8.77
CA PRO B 80 -8.98 -0.63 7.66
C PRO B 80 -7.46 -0.74 7.68
N GLY B 81 -6.78 0.38 7.77
CA GLY B 81 -5.32 0.39 7.84
C GLY B 81 -4.77 -0.43 8.99
N GLN B 82 -5.30 -0.22 10.18
CA GLN B 82 -4.84 -0.95 11.37
C GLN B 82 -5.13 -2.43 11.29
N LEU B 83 -6.27 -2.77 10.69
CA LEU B 83 -6.64 -4.16 10.49
C LEU B 83 -5.62 -4.82 9.57
N LEU B 84 -5.33 -4.17 8.46
CA LEU B 84 -4.31 -4.66 7.55
C LEU B 84 -2.96 -4.76 8.30
N ASN B 85 -2.60 -3.70 9.01
CA ASN B 85 -1.39 -3.69 9.84
C ASN B 85 -1.27 -4.94 10.71
N MET B 86 -2.30 -5.26 11.49
CA MET B 86 -2.24 -6.43 12.36
C MET B 86 -2.28 -7.75 11.57
N LEU B 87 -2.98 -7.76 10.42
CA LEU B 87 -3.05 -8.97 9.62
C LEU B 87 -1.72 -9.30 8.94
N PHE B 88 -1.04 -8.29 8.41
CA PHE B 88 0.11 -8.57 7.55
C PHE B 88 1.21 -7.51 7.52
N GLY B 89 1.13 -6.51 8.39
CA GLY B 89 2.10 -5.43 8.40
C GLY B 89 3.55 -5.84 8.28
N ASN B 90 4.04 -6.55 9.29
CA ASN B 90 5.42 -7.01 9.32
C ASN B 90 5.69 -8.25 8.48
N SER B 91 4.73 -9.18 8.46
CA SER B 91 4.99 -10.44 7.77
C SER B 91 5.08 -10.20 6.28
N SER B 92 4.55 -9.08 5.82
CA SER B 92 4.60 -8.79 4.40
C SER B 92 6.06 -8.66 3.94
N ILE B 93 6.95 -8.37 4.90
CA ILE B 93 8.36 -8.21 4.58
C ILE B 93 9.07 -9.56 4.41
N GLN B 94 8.47 -10.62 4.91
CA GLN B 94 9.06 -11.95 4.81
C GLN B 94 8.78 -12.52 3.43
N PRO B 95 9.69 -13.36 2.91
CA PRO B 95 9.55 -13.93 1.57
C PRO B 95 8.85 -15.30 1.54
N ASP B 96 8.61 -15.89 2.70
CA ASP B 96 8.11 -17.26 2.77
C ASP B 96 6.64 -17.33 3.19
N ILE B 97 5.93 -16.21 3.14
CA ILE B 97 4.57 -16.17 3.67
C ILE B 97 3.63 -15.36 2.80
N ALA B 98 2.38 -15.83 2.72
CA ALA B 98 1.32 -15.10 2.07
C ALA B 98 0.10 -15.13 2.97
N LEU B 99 -0.64 -14.03 3.01
CA LEU B 99 -1.89 -13.98 3.74
C LEU B 99 -2.99 -14.50 2.81
N ALA B 100 -3.66 -15.60 3.18
CA ALA B 100 -4.59 -16.30 2.28
C ALA B 100 -6.09 -16.02 2.52
N ASP B 101 -6.49 -15.96 3.78
CA ASP B 101 -7.89 -15.67 4.11
C ASP B 101 -8.00 -15.06 5.50
N VAL B 102 -9.16 -14.47 5.79
CA VAL B 102 -9.42 -13.89 7.10
C VAL B 102 -10.88 -14.15 7.47
N GLU B 103 -11.09 -14.71 8.66
CA GLU B 103 -12.43 -14.88 9.19
C GLU B 103 -12.63 -13.85 10.29
N LEU B 104 -13.44 -12.83 10.01
CA LEU B 104 -13.69 -11.73 10.95
C LEU B 104 -14.97 -11.96 11.73
N PRO B 105 -14.93 -11.65 13.04
CA PRO B 105 -16.13 -11.54 13.88
C PRO B 105 -17.16 -10.64 13.23
N ALA B 106 -18.43 -11.02 13.36
CA ALA B 106 -19.54 -10.31 12.71
C ALA B 106 -19.52 -8.81 12.96
N HIS B 107 -19.03 -8.37 14.11
CA HIS B 107 -19.06 -6.94 14.39
C HIS B 107 -18.16 -6.12 13.42
N TYR B 108 -17.17 -6.77 12.82
CA TYR B 108 -16.35 -6.09 11.82
C TYR B 108 -17.14 -5.83 10.55
N LEU B 109 -17.95 -6.82 10.15
CA LEU B 109 -18.73 -6.64 8.94
C LEU B 109 -19.75 -5.52 9.11
N THR B 110 -20.33 -5.39 10.29
CA THR B 110 -21.36 -4.37 10.49
C THR B 110 -20.72 -2.99 10.53
N ALA B 111 -19.57 -2.92 11.17
CA ALA B 111 -18.82 -1.67 11.29
C ALA B 111 -18.38 -1.15 9.93
N PHE B 112 -17.77 -2.01 9.13
CA PHE B 112 -17.30 -1.61 7.80
C PHE B 112 -18.46 -1.39 6.81
N GLY B 113 -19.45 -2.26 6.83
CA GLY B 113 -20.70 -2.03 6.09
C GLY B 113 -20.75 -2.48 4.64
N GLY B 114 -19.62 -2.84 4.05
CA GLY B 114 -19.59 -3.35 2.70
C GLY B 114 -20.13 -2.40 1.64
N PRO B 115 -20.45 -2.95 0.46
CA PRO B 115 -20.85 -2.11 -0.66
C PRO B 115 -22.15 -1.37 -0.37
N ARG B 116 -22.17 -0.07 -0.63
CA ARG B 116 -23.38 0.72 -0.41
C ARG B 116 -24.39 0.56 -1.56
N VAL B 117 -23.90 0.22 -2.75
CA VAL B 117 -24.76 0.06 -3.92
C VAL B 117 -24.84 -1.41 -4.30
N GLY B 118 -23.67 -2.03 -4.44
CA GLY B 118 -23.57 -3.45 -4.66
C GLY B 118 -24.04 -3.94 -6.02
N LEU B 119 -23.97 -5.25 -6.19
CA LEU B 119 -24.36 -5.89 -7.45
C LEU B 119 -25.79 -5.53 -7.84
N ALA B 120 -26.71 -5.60 -6.88
CA ALA B 120 -28.11 -5.32 -7.18
C ALA B 120 -28.30 -3.84 -7.56
N GLY B 121 -27.60 -2.95 -6.85
CA GLY B 121 -27.68 -1.53 -7.13
C GLY B 121 -27.16 -1.13 -8.51
N ILE B 122 -26.01 -1.66 -8.89
CA ILE B 122 -25.49 -1.40 -10.23
C ILE B 122 -26.45 -1.92 -11.31
N ARG B 123 -27.00 -3.11 -11.13
CA ARG B 123 -27.97 -3.66 -12.09
C ARG B 123 -29.09 -2.66 -12.32
N THR B 124 -29.62 -2.11 -11.24
CA THR B 124 -30.73 -1.17 -11.32
C THR B 124 -30.31 0.11 -12.03
N LEU B 125 -29.12 0.60 -11.69
CA LEU B 125 -28.63 1.85 -12.28
C LEU B 125 -28.39 1.74 -13.77
N THR B 126 -27.95 0.57 -14.23
CA THR B 126 -27.47 0.41 -15.59
C THR B 126 -28.56 -0.18 -16.47
N GLY B 127 -29.59 -0.72 -15.83
CA GLY B 127 -30.67 -1.37 -16.56
C GLY B 127 -30.38 -2.81 -16.94
N ALA B 128 -29.29 -3.38 -16.41
CA ALA B 128 -29.00 -4.79 -16.66
C ALA B 128 -29.70 -5.66 -15.63
N GLN B 129 -30.87 -6.19 -16.02
CA GLN B 129 -31.71 -6.91 -15.08
C GLN B 129 -31.11 -8.24 -14.65
N SER B 130 -30.64 -9.04 -15.60
CA SER B 130 -30.12 -10.36 -15.28
C SER B 130 -28.87 -10.68 -16.09
N ARG B 131 -28.73 -10.04 -17.24
CA ARG B 131 -27.58 -10.26 -18.10
C ARG B 131 -26.30 -9.82 -17.41
N ALA B 132 -25.17 -10.32 -17.89
CA ALA B 132 -23.86 -9.82 -17.45
C ALA B 132 -23.72 -8.37 -17.88
N LEU B 133 -22.80 -7.65 -17.26
CA LEU B 133 -22.59 -6.26 -17.63
C LEU B 133 -21.29 -6.09 -18.43
N THR B 134 -21.11 -4.90 -18.98
CA THR B 134 -19.95 -4.58 -19.80
C THR B 134 -19.29 -3.29 -19.34
N ALA B 135 -17.96 -3.24 -19.46
CA ALA B 135 -17.23 -2.01 -19.17
C ALA B 135 -16.11 -1.81 -20.17
N SER B 136 -15.69 -0.56 -20.32
CA SER B 136 -14.46 -0.25 -21.06
C SER B 136 -13.68 0.84 -20.35
N ALA B 137 -12.40 0.95 -20.69
CA ALA B 137 -11.58 2.00 -20.11
C ALA B 137 -11.25 3.05 -21.16
N LEU B 138 -11.04 4.28 -20.69
CA LEU B 138 -10.58 5.36 -21.55
C LEU B 138 -9.06 5.37 -21.58
N LYS B 139 -8.50 5.09 -22.76
CA LYS B 139 -7.07 5.05 -22.99
C LYS B 139 -6.86 5.56 -24.40
N PRO B 140 -5.67 6.11 -24.70
CA PRO B 140 -4.50 6.28 -23.83
C PRO B 140 -4.46 7.60 -23.06
N GLN B 141 -3.77 7.62 -21.92
CA GLN B 141 -3.74 8.79 -21.04
C GLN B 141 -3.02 10.05 -21.59
N GLY B 142 -2.45 9.96 -22.78
CA GLY B 142 -1.85 11.15 -23.38
C GLY B 142 -2.88 12.15 -23.90
N LEU B 143 -4.13 11.72 -24.00
CA LEU B 143 -5.18 12.47 -24.69
C LEU B 143 -5.75 13.67 -23.94
N SER B 144 -6.27 14.64 -24.69
CA SER B 144 -6.97 15.77 -24.09
C SER B 144 -8.34 15.30 -23.60
N PRO B 145 -8.94 16.06 -22.66
CA PRO B 145 -10.27 15.72 -22.16
C PRO B 145 -11.32 15.61 -23.28
N ALA B 146 -11.13 16.38 -24.35
CA ALA B 146 -12.08 16.34 -25.47
C ALA B 146 -11.95 15.03 -26.24
N ALA B 147 -10.70 14.61 -26.48
CA ALA B 147 -10.45 13.36 -27.19
C ALA B 147 -10.90 12.16 -26.35
N LEU B 148 -10.69 12.25 -25.04
CA LEU B 148 -11.19 11.24 -24.11
C LEU B 148 -12.72 11.23 -24.15
N ALA B 149 -13.31 12.43 -24.16
CA ALA B 149 -14.77 12.57 -24.22
C ALA B 149 -15.36 11.94 -25.47
N SER B 150 -14.70 12.14 -26.60
CA SER B 150 -15.15 11.60 -27.88
C SER B 150 -15.19 10.07 -27.84
N ILE B 151 -14.14 9.48 -27.26
CA ILE B 151 -14.07 8.03 -27.08
C ILE B 151 -15.20 7.52 -26.19
N ALA B 152 -15.37 8.17 -25.04
CA ALA B 152 -16.44 7.80 -24.13
C ALA B 152 -17.80 7.83 -24.82
N HIS B 153 -18.01 8.85 -25.65
CA HIS B 153 -19.27 9.01 -26.36
C HIS B 153 -19.52 7.81 -27.28
N GLN B 154 -18.48 7.40 -28.00
CA GLN B 154 -18.61 6.26 -28.89
C GLN B 154 -18.88 4.99 -28.10
N LEU B 155 -18.19 4.80 -26.98
CA LEU B 155 -18.43 3.62 -26.15
C LEU B 155 -19.87 3.58 -25.62
N ALA B 156 -20.30 4.70 -25.05
CA ALA B 156 -21.63 4.78 -24.45
C ALA B 156 -22.71 4.60 -25.51
N LEU B 157 -22.45 5.10 -26.71
CA LEU B 157 -23.37 4.91 -27.83
C LEU B 157 -23.57 3.42 -28.12
N GLY B 158 -22.55 2.61 -27.84
CA GLY B 158 -22.60 1.18 -28.08
C GLY B 158 -23.32 0.37 -27.02
N GLY B 159 -23.71 1.02 -25.94
CA GLY B 159 -24.48 0.36 -24.90
C GLY B 159 -23.65 -0.23 -23.75
N VAL B 160 -22.37 0.11 -23.71
CA VAL B 160 -21.50 -0.30 -22.60
C VAL B 160 -22.07 0.21 -21.28
N ASP B 161 -22.13 -0.65 -20.26
CA ASP B 161 -22.68 -0.24 -18.97
C ASP B 161 -21.80 0.73 -18.15
N LEU B 162 -20.49 0.51 -18.13
CA LEU B 162 -19.61 1.38 -17.33
C LEU B 162 -18.33 1.76 -18.07
N ILE B 163 -18.07 3.06 -18.07
CA ILE B 163 -16.87 3.61 -18.66
C ILE B 163 -16.01 4.13 -17.51
N LYS B 164 -14.79 3.61 -17.44
CA LYS B 164 -13.87 3.99 -16.38
C LYS B 164 -12.66 4.68 -16.98
N ASP B 165 -12.05 5.56 -16.20
CA ASP B 165 -10.74 6.09 -16.55
C ASP B 165 -9.72 4.98 -16.58
N ASP B 166 -8.74 5.11 -17.45
CA ASP B 166 -7.49 4.41 -17.26
C ASP B 166 -7.12 4.65 -15.79
N HIS B 167 -6.62 3.62 -15.12
CA HIS B 167 -6.26 3.78 -13.71
C HIS B 167 -5.05 4.71 -13.59
N GLY B 168 -4.36 4.89 -14.71
CA GLY B 168 -3.21 5.78 -14.77
C GLY B 168 -3.58 7.24 -14.89
N LEU B 169 -4.84 7.50 -15.22
CA LEU B 169 -5.32 8.87 -15.32
C LEU B 169 -5.55 9.42 -13.93
N ALA B 170 -4.94 10.56 -13.66
CA ALA B 170 -5.12 11.20 -12.36
C ALA B 170 -5.40 12.68 -12.56
N ASP B 171 -4.39 13.52 -12.33
CA ASP B 171 -4.60 14.96 -12.43
C ASP B 171 -3.47 15.60 -13.23
N GLN B 172 -3.03 14.89 -14.27
CA GLN B 172 -1.93 15.38 -15.10
C GLN B 172 -2.32 16.63 -15.90
N ALA B 173 -1.36 17.52 -16.13
CA ALA B 173 -1.62 18.71 -16.92
C ALA B 173 -2.27 18.33 -18.24
N PHE B 174 -1.83 17.18 -18.77
CA PHE B 174 -2.46 16.50 -19.89
C PHE B 174 -3.97 16.67 -19.98
N SER B 175 -4.61 16.45 -18.85
CA SER B 175 -6.07 16.33 -18.80
C SER B 175 -6.44 16.31 -17.33
N PRO B 176 -6.41 17.48 -16.68
CA PRO B 176 -6.65 17.63 -15.26
C PRO B 176 -7.99 17.02 -14.87
N PHE B 177 -8.09 16.50 -13.64
CA PHE B 177 -9.30 15.81 -13.20
C PHE B 177 -10.57 16.61 -13.48
N ALA B 178 -10.58 17.88 -13.10
CA ALA B 178 -11.81 18.68 -13.26
C ALA B 178 -12.24 18.75 -14.73
N GLU B 179 -11.33 19.16 -15.59
CA GLU B 179 -11.60 19.26 -17.02
C GLU B 179 -12.03 17.92 -17.64
N ARG B 180 -11.34 16.84 -17.26
CA ARG B 180 -11.66 15.51 -17.79
C ARG B 180 -13.05 15.01 -17.38
N ALA B 181 -13.37 15.16 -16.11
CA ALA B 181 -14.65 14.69 -15.59
C ALA B 181 -15.78 15.43 -16.31
N ALA B 182 -15.59 16.72 -16.56
CA ALA B 182 -16.61 17.51 -17.22
C ALA B 182 -16.80 17.05 -18.66
N ALA B 183 -15.73 17.09 -19.43
CA ALA B 183 -15.77 16.69 -20.84
C ALA B 183 -16.31 15.28 -21.03
N VAL B 184 -15.89 14.35 -20.19
CA VAL B 184 -16.31 12.96 -20.33
C VAL B 184 -17.74 12.74 -19.84
N GLY B 185 -18.04 13.24 -18.65
CA GLY B 185 -19.36 13.09 -18.08
C GLY B 185 -20.43 13.66 -18.99
N LYS B 186 -20.14 14.82 -19.56
CA LYS B 186 -21.02 15.46 -20.54
C LYS B 186 -21.25 14.55 -21.72
N ALA B 187 -20.16 13.98 -22.24
CA ALA B 187 -20.21 13.11 -23.41
C ALA B 187 -21.02 11.83 -23.16
N VAL B 188 -20.93 11.30 -21.95
CA VAL B 188 -21.67 10.08 -21.60
C VAL B 188 -23.17 10.37 -21.48
N ARG B 189 -23.51 11.52 -20.88
CA ARG B 189 -24.90 11.93 -20.77
C ARG B 189 -25.56 12.09 -22.14
N GLU B 190 -24.88 12.77 -23.05
CA GLU B 190 -25.40 13.00 -24.38
C GLU B 190 -25.69 11.68 -25.08
N ALA B 191 -24.74 10.76 -25.00
CA ALA B 191 -24.91 9.42 -25.55
C ALA B 191 -26.12 8.73 -24.93
N ASN B 192 -26.25 8.80 -23.61
CA ASN B 192 -27.40 8.22 -22.91
C ASN B 192 -28.71 8.77 -23.46
N ALA B 193 -28.77 10.09 -23.66
CA ALA B 193 -29.99 10.74 -24.13
C ALA B 193 -30.38 10.24 -25.51
N ALA B 194 -29.41 10.19 -26.42
CA ALA B 194 -29.67 9.80 -27.80
C ALA B 194 -30.12 8.36 -27.95
N ARG B 195 -29.58 7.49 -27.10
CA ARG B 195 -29.79 6.05 -27.25
C ARG B 195 -30.78 5.51 -26.23
N GLY B 196 -31.20 6.36 -25.30
CA GLY B 196 -32.02 5.91 -24.17
C GLY B 196 -31.20 5.03 -23.23
N GLY B 197 -29.93 5.37 -23.06
CA GLY B 197 -29.01 4.56 -22.28
C GLY B 197 -28.85 4.96 -20.82
N ARG B 198 -28.19 4.10 -20.05
CA ARG B 198 -27.96 4.37 -18.64
C ARG B 198 -26.48 4.04 -18.29
N THR B 199 -25.59 4.37 -19.24
CA THR B 199 -24.17 4.14 -19.10
C THR B 199 -23.57 4.98 -17.98
N LEU B 200 -22.75 4.37 -17.14
CA LEU B 200 -22.07 5.08 -16.04
C LEU B 200 -20.63 5.45 -16.38
N TYR B 201 -20.16 6.56 -15.81
CA TYR B 201 -18.75 6.95 -15.92
C TYR B 201 -18.05 6.96 -14.55
N ALA B 202 -16.91 6.30 -14.47
CA ALA B 202 -16.14 6.20 -13.23
C ALA B 202 -14.75 6.85 -13.39
N PRO B 203 -14.64 8.15 -13.09
CA PRO B 203 -13.33 8.82 -13.12
C PRO B 203 -12.43 8.41 -11.96
N ASN B 204 -11.13 8.42 -12.19
CA ASN B 204 -10.19 7.97 -11.16
C ASN B 204 -9.82 9.10 -10.22
N ILE B 205 -10.21 8.98 -8.96
CA ILE B 205 -9.80 9.95 -7.95
C ILE B 205 -8.48 9.55 -7.26
N SER B 206 -7.67 10.55 -6.91
CA SER B 206 -6.25 10.37 -6.65
C SER B 206 -5.68 11.26 -5.54
N GLY B 207 -4.51 10.89 -5.03
CA GLY B 207 -3.73 11.76 -4.15
C GLY B 207 -4.00 11.59 -2.67
N THR B 208 -3.94 12.69 -1.91
CA THR B 208 -4.23 12.66 -0.49
C THR B 208 -5.73 12.61 -0.30
N LEU B 209 -6.19 12.39 0.92
CA LEU B 209 -7.62 12.40 1.21
C LEU B 209 -8.22 13.74 0.80
N ASP B 210 -7.47 14.83 0.98
CA ASP B 210 -7.91 16.16 0.54
C ASP B 210 -8.12 16.19 -0.97
N ASP B 211 -7.14 15.70 -1.72
CA ASP B 211 -7.29 15.61 -3.17
C ASP B 211 -8.51 14.78 -3.55
N MET B 212 -8.69 13.65 -2.86
CA MET B 212 -9.78 12.75 -3.20
C MET B 212 -11.16 13.38 -2.96
N ARG B 213 -11.33 14.08 -1.85
CA ARG B 213 -12.62 14.70 -1.55
C ARG B 213 -12.93 15.85 -2.51
N ARG B 214 -11.91 16.60 -2.90
CA ARG B 214 -12.09 17.66 -3.88
C ARG B 214 -12.56 17.09 -5.20
N GLN B 215 -11.91 16.00 -5.61
CA GLN B 215 -12.27 15.34 -6.86
C GLN B 215 -13.66 14.70 -6.79
N LEU B 216 -14.03 14.21 -5.60
CA LEU B 216 -15.37 13.69 -5.38
C LEU B 216 -16.37 14.83 -5.50
N GLY B 217 -15.97 16.01 -5.03
CA GLY B 217 -16.78 17.20 -5.17
C GLY B 217 -17.15 17.48 -6.62
N VAL B 218 -16.16 17.40 -7.50
CA VAL B 218 -16.37 17.60 -8.92
C VAL B 218 -17.33 16.54 -9.49
N ILE B 219 -17.10 15.29 -9.12
CA ILE B 219 -17.95 14.18 -9.57
C ILE B 219 -19.41 14.47 -9.26
N ARG B 220 -19.68 14.82 -8.01
CA ARG B 220 -21.03 15.11 -7.57
C ARG B 220 -21.60 16.34 -8.28
N ASP B 221 -20.77 17.37 -8.46
CA ASP B 221 -21.22 18.59 -9.13
C ASP B 221 -21.53 18.36 -10.61
N GLU B 222 -20.82 17.42 -11.22
CA GLU B 222 -21.00 17.12 -12.63
C GLU B 222 -22.12 16.10 -12.86
N GLY B 223 -22.68 15.56 -11.78
CA GLY B 223 -23.75 14.59 -11.87
C GLY B 223 -23.29 13.24 -12.36
N ILE B 224 -22.00 12.96 -12.17
CA ILE B 224 -21.42 11.67 -12.55
C ILE B 224 -21.82 10.59 -11.55
N GLY B 225 -22.05 9.37 -12.04
CA GLY B 225 -22.64 8.34 -11.20
C GLY B 225 -21.72 7.26 -10.67
N ALA B 226 -20.44 7.32 -11.02
CA ALA B 226 -19.51 6.33 -10.50
C ALA B 226 -18.15 6.95 -10.24
N VAL B 227 -17.27 6.18 -9.60
CA VAL B 227 -15.93 6.65 -9.27
C VAL B 227 -14.98 5.46 -9.17
N LEU B 228 -13.73 5.68 -9.60
CA LEU B 228 -12.72 4.63 -9.61
C LEU B 228 -11.67 4.99 -8.56
N VAL B 229 -11.25 4.00 -7.77
CA VAL B 229 -10.23 4.25 -6.74
C VAL B 229 -9.35 3.03 -6.61
N ALA B 230 -8.05 3.25 -6.47
CA ALA B 230 -7.13 2.15 -6.17
C ALA B 230 -6.80 2.18 -4.68
N PRO B 231 -7.47 1.32 -3.88
CA PRO B 231 -7.35 1.39 -2.43
C PRO B 231 -5.90 1.26 -1.95
N MET B 232 -5.10 0.46 -2.64
CA MET B 232 -3.75 0.20 -2.16
C MET B 232 -2.80 1.34 -2.49
N ILE B 233 -3.24 2.21 -3.40
CA ILE B 233 -2.51 3.45 -3.64
C ILE B 233 -2.83 4.49 -2.58
N VAL B 234 -4.12 4.72 -2.36
CA VAL B 234 -4.57 5.87 -1.58
C VAL B 234 -4.69 5.57 -0.09
N GLY B 235 -4.48 4.31 0.27
CA GLY B 235 -4.61 3.89 1.65
C GLY B 235 -6.02 3.37 1.89
N VAL B 236 -6.13 2.14 2.38
CA VAL B 236 -7.46 1.58 2.55
C VAL B 236 -8.31 2.40 3.52
N SER B 237 -7.69 2.96 4.56
CA SER B 237 -8.46 3.78 5.49
C SER B 237 -9.10 4.97 4.79
N ASN B 238 -8.36 5.61 3.88
CA ASN B 238 -8.95 6.71 3.09
C ASN B 238 -9.94 6.25 2.03
N PHE B 239 -9.68 5.10 1.44
CA PHE B 239 -10.63 4.50 0.51
C PHE B 239 -11.97 4.34 1.23
N HIS B 240 -11.92 3.80 2.44
CA HIS B 240 -13.14 3.56 3.22
C HIS B 240 -13.84 4.88 3.55
N ALA B 241 -13.05 5.89 3.89
CA ALA B 241 -13.58 7.23 4.18
C ALA B 241 -14.33 7.79 2.98
N ILE B 242 -13.79 7.61 1.77
CA ILE B 242 -14.44 8.08 0.55
C ILE B 242 -15.73 7.30 0.29
N VAL B 243 -15.70 5.99 0.56
CA VAL B 243 -16.90 5.18 0.38
C VAL B 243 -18.05 5.77 1.19
N LYS B 244 -17.75 6.21 2.41
CA LYS B 244 -18.75 6.81 3.28
C LYS B 244 -19.24 8.18 2.82
N GLU B 245 -18.54 8.77 1.86
CA GLU B 245 -18.89 10.09 1.33
C GLU B 245 -19.41 9.99 -0.11
N ALA B 246 -19.39 8.78 -0.65
CA ALA B 246 -19.73 8.54 -2.05
C ALA B 246 -21.16 8.92 -2.43
N ALA B 247 -22.11 8.77 -1.50
CA ALA B 247 -23.47 9.25 -1.70
C ALA B 247 -24.21 8.63 -2.89
N GLY B 248 -24.19 7.30 -2.98
CA GLY B 248 -24.96 6.60 -4.00
C GLY B 248 -24.23 6.41 -5.32
N LEU B 249 -22.98 6.88 -5.37
CA LEU B 249 -22.13 6.66 -6.51
C LEU B 249 -21.74 5.19 -6.56
N VAL B 250 -21.57 4.63 -7.74
CA VAL B 250 -21.00 3.30 -7.82
C VAL B 250 -19.48 3.43 -7.56
N VAL B 251 -19.00 2.72 -6.55
CA VAL B 251 -17.56 2.78 -6.24
C VAL B 251 -16.84 1.59 -6.84
N VAL B 252 -15.99 1.85 -7.83
CA VAL B 252 -15.29 0.79 -8.53
C VAL B 252 -13.85 0.75 -8.01
N ALA B 253 -13.43 -0.39 -7.50
CA ALA B 253 -12.06 -0.51 -7.00
C ALA B 253 -11.12 -1.03 -8.08
N HIS B 254 -9.90 -0.51 -8.09
CA HIS B 254 -8.84 -0.95 -9.00
C HIS B 254 -7.68 -1.55 -8.19
N PRO B 255 -7.00 -2.56 -8.75
CA PRO B 255 -6.01 -3.28 -7.95
C PRO B 255 -4.57 -2.73 -8.00
N ALA B 256 -4.37 -1.52 -8.52
CA ALA B 256 -3.02 -0.96 -8.58
C ALA B 256 -2.30 -1.09 -7.23
N MET B 257 -1.08 -1.64 -7.26
CA MET B 257 -0.22 -1.85 -6.07
C MET B 257 -0.69 -2.94 -5.10
N ALA B 258 -1.63 -3.77 -5.55
CA ALA B 258 -2.14 -4.85 -4.69
C ALA B 258 -1.14 -6.00 -4.59
N GLY B 259 -0.15 -6.03 -5.47
CA GLY B 259 0.79 -7.12 -5.50
C GLY B 259 2.07 -6.84 -4.74
N ALA B 260 2.17 -5.62 -4.22
CA ALA B 260 3.41 -5.18 -3.56
C ALA B 260 3.67 -6.01 -2.31
N ALA B 261 2.59 -6.39 -1.63
CA ALA B 261 2.66 -7.31 -0.50
C ALA B 261 1.89 -8.58 -0.87
N LYS B 262 2.31 -9.71 -0.32
CA LYS B 262 1.78 -11.00 -0.73
C LYS B 262 0.49 -11.34 -0.01
N ILE B 263 -0.57 -10.61 -0.34
CA ILE B 263 -1.93 -10.94 0.10
C ILE B 263 -2.66 -11.58 -1.08
N ALA B 264 -3.26 -12.74 -0.88
CA ALA B 264 -3.92 -13.42 -1.98
C ALA B 264 -5.01 -12.54 -2.58
N ALA B 265 -5.09 -12.53 -3.92
CA ALA B 265 -6.06 -11.68 -4.63
C ALA B 265 -7.50 -11.92 -4.22
N PRO B 266 -7.90 -13.18 -4.07
CA PRO B 266 -9.33 -13.29 -3.77
C PRO B 266 -9.67 -12.63 -2.45
N LEU B 267 -8.82 -12.80 -1.44
CA LEU B 267 -9.06 -12.20 -0.14
C LEU B 267 -9.04 -10.67 -0.23
N LEU B 268 -8.05 -10.12 -0.92
CA LEU B 268 -7.86 -8.68 -0.98
C LEU B 268 -8.84 -7.95 -1.91
N LEU B 269 -8.81 -8.31 -3.19
CA LEU B 269 -9.64 -7.64 -4.19
C LEU B 269 -11.11 -8.03 -4.07
N GLY B 270 -11.34 -9.26 -3.62
CA GLY B 270 -12.68 -9.76 -3.44
C GLY B 270 -13.25 -9.37 -2.09
N ARG B 271 -12.80 -10.05 -1.04
CA ARG B 271 -13.44 -9.93 0.26
C ARG B 271 -13.17 -8.58 0.91
N LEU B 272 -11.89 -8.23 1.06
CA LEU B 272 -11.55 -7.03 1.81
C LEU B 272 -12.00 -5.75 1.10
N PHE B 273 -11.76 -5.67 -0.20
CA PHE B 273 -12.24 -4.51 -0.98
C PHE B 273 -13.76 -4.33 -0.82
N ARG B 274 -14.49 -5.44 -0.98
CA ARG B 274 -15.95 -5.47 -0.76
C ARG B 274 -16.32 -5.01 0.65
N LEU B 275 -15.67 -5.59 1.65
CA LEU B 275 -15.88 -5.21 3.05
C LEU B 275 -15.76 -3.69 3.22
N PHE B 276 -14.72 -3.11 2.64
CA PHE B 276 -14.42 -1.70 2.80
C PHE B 276 -15.31 -0.76 1.97
N GLY B 277 -16.03 -1.32 1.00
CA GLY B 277 -17.07 -0.58 0.29
C GLY B 277 -17.07 -0.62 -1.23
N ALA B 278 -16.25 -1.45 -1.84
CA ALA B 278 -16.19 -1.49 -3.29
C ALA B 278 -17.49 -2.12 -3.84
N ASP B 279 -18.12 -1.46 -4.81
CA ASP B 279 -19.31 -2.03 -5.44
C ASP B 279 -18.94 -2.90 -6.64
N ALA B 280 -17.83 -2.56 -7.28
CA ALA B 280 -17.27 -3.43 -8.30
C ALA B 280 -15.77 -3.53 -8.05
N THR B 281 -15.17 -4.63 -8.48
CA THR B 281 -13.75 -4.80 -8.23
C THR B 281 -13.04 -5.36 -9.46
N VAL B 282 -12.08 -4.58 -9.96
CA VAL B 282 -11.34 -4.91 -11.16
C VAL B 282 -10.18 -5.85 -10.82
N PHE B 283 -9.95 -6.84 -11.68
CA PHE B 283 -8.84 -7.78 -11.50
C PHE B 283 -8.50 -8.39 -12.85
N PRO B 284 -7.22 -8.77 -13.02
CA PRO B 284 -6.78 -9.37 -14.29
C PRO B 284 -7.34 -10.78 -14.42
N ASN B 285 -8.02 -11.02 -15.54
CA ASN B 285 -8.63 -12.32 -15.82
C ASN B 285 -7.52 -13.34 -15.99
N TYR B 286 -7.84 -14.62 -15.81
CA TYR B 286 -6.88 -15.66 -16.14
C TYR B 286 -6.64 -15.57 -17.64
N GLY B 287 -5.48 -16.04 -18.10
CA GLY B 287 -5.18 -16.06 -19.52
C GLY B 287 -5.01 -14.68 -20.15
N GLY B 288 -5.13 -13.63 -19.34
CA GLY B 288 -4.85 -12.29 -19.79
C GLY B 288 -3.34 -12.06 -19.73
N ARG B 289 -2.92 -10.79 -19.60
N ARG B 289 -2.92 -10.80 -19.60
CA ARG B 289 -1.50 -10.46 -19.52
CA ARG B 289 -1.50 -10.47 -19.54
C ARG B 289 -0.86 -10.91 -18.22
C ARG B 289 -0.86 -10.84 -18.20
N PHE B 290 -1.70 -11.15 -17.21
CA PHE B 290 -1.21 -11.47 -15.87
C PHE B 290 -1.28 -12.96 -15.58
N ALA B 291 -0.86 -13.36 -14.38
CA ALA B 291 -0.62 -14.76 -14.09
C ALA B 291 -1.61 -15.39 -13.09
N TYR B 292 -2.79 -14.79 -12.93
CA TYR B 292 -3.80 -15.36 -12.05
C TYR B 292 -4.28 -16.71 -12.60
N SER B 293 -4.35 -17.69 -11.72
CA SER B 293 -4.88 -19.01 -12.09
C SER B 293 -6.40 -18.94 -12.21
N THR B 294 -6.98 -19.93 -12.89
CA THR B 294 -8.42 -19.99 -12.98
C THR B 294 -9.01 -20.16 -11.59
N ALA B 295 -8.34 -20.97 -10.76
CA ALA B 295 -8.77 -21.18 -9.39
C ALA B 295 -8.90 -19.87 -8.63
N SER B 296 -7.86 -19.04 -8.73
CA SER B 296 -7.85 -17.74 -8.08
C SER B 296 -8.95 -16.83 -8.59
N CYS B 297 -9.12 -16.77 -9.91
CA CYS B 297 -10.18 -15.93 -10.47
C CYS B 297 -11.56 -16.36 -9.98
N LEU B 298 -11.79 -17.66 -9.94
CA LEU B 298 -13.10 -18.14 -9.47
C LEU B 298 -13.29 -17.80 -7.99
N ALA B 299 -12.26 -18.02 -7.19
CA ALA B 299 -12.33 -17.73 -5.75
C ALA B 299 -12.55 -16.23 -5.50
N LEU B 300 -11.91 -15.41 -6.32
CA LEU B 300 -12.07 -13.97 -6.26
C LEU B 300 -13.52 -13.57 -6.57
N ALA B 301 -14.06 -14.11 -7.66
CA ALA B 301 -15.47 -13.88 -7.98
C ALA B 301 -16.37 -14.25 -6.81
N GLN B 302 -16.13 -15.42 -6.21
CA GLN B 302 -16.99 -15.90 -5.12
C GLN B 302 -16.85 -15.06 -3.85
N ALA B 303 -15.63 -14.64 -3.55
CA ALA B 303 -15.41 -13.79 -2.39
C ALA B 303 -16.18 -12.47 -2.58
N ALA B 304 -16.26 -12.00 -3.82
CA ALA B 304 -16.95 -10.75 -4.10
C ALA B 304 -18.48 -10.90 -3.99
N ARG B 305 -18.99 -12.06 -4.37
CA ARG B 305 -20.43 -12.26 -4.61
C ARG B 305 -21.20 -12.98 -3.51
N ASP B 306 -20.53 -13.94 -2.87
CA ASP B 306 -21.24 -14.88 -2.01
C ASP B 306 -21.68 -14.27 -0.68
N PRO B 307 -22.59 -14.96 0.02
CA PRO B 307 -23.00 -14.47 1.34
C PRO B 307 -21.79 -14.12 2.21
N PHE B 308 -21.88 -12.98 2.89
CA PHE B 308 -20.80 -12.44 3.69
C PHE B 308 -21.49 -11.53 4.70
N GLY B 309 -21.76 -12.08 5.89
CA GLY B 309 -22.69 -11.43 6.79
C GLY B 309 -23.94 -10.92 6.07
N LYS B 310 -24.39 -9.73 6.44
CA LYS B 310 -25.51 -9.05 5.80
C LYS B 310 -25.07 -8.11 4.68
N LEU B 311 -23.84 -8.25 4.20
CA LEU B 311 -23.25 -7.29 3.24
C LEU B 311 -23.65 -7.52 1.79
N ASN B 312 -23.88 -6.43 1.06
CA ASN B 312 -24.15 -6.52 -0.37
C ASN B 312 -23.00 -7.20 -1.12
N ALA B 313 -23.33 -7.83 -2.24
CA ALA B 313 -22.33 -8.38 -3.14
C ALA B 313 -21.63 -7.26 -3.89
N CYS B 314 -20.40 -7.54 -4.34
CA CYS B 314 -19.59 -6.63 -5.15
C CYS B 314 -19.44 -7.30 -6.51
N ILE B 315 -19.60 -6.58 -7.62
CA ILE B 315 -19.50 -7.22 -8.93
C ILE B 315 -18.04 -7.46 -9.33
N PRO B 316 -17.67 -8.72 -9.56
CA PRO B 316 -16.32 -8.99 -10.04
C PRO B 316 -16.18 -8.44 -11.45
N THR B 317 -15.09 -7.73 -11.71
CA THR B 317 -14.92 -7.07 -12.99
C THR B 317 -13.61 -7.47 -13.65
N PRO B 318 -13.60 -8.61 -14.35
CA PRO B 318 -12.37 -9.16 -14.94
C PRO B 318 -11.89 -8.31 -16.10
N ALA B 319 -10.59 -8.27 -16.27
CA ALA B 319 -9.95 -7.48 -17.32
C ALA B 319 -8.79 -8.25 -17.94
N GLY B 320 -8.59 -8.05 -19.24
CA GLY B 320 -7.54 -8.75 -19.96
C GLY B 320 -7.87 -8.71 -21.44
N GLY B 321 -7.29 -9.62 -22.21
CA GLY B 321 -7.52 -9.67 -23.64
C GLY B 321 -8.93 -10.14 -23.98
N ILE B 322 -9.92 -9.43 -23.44
CA ILE B 322 -11.32 -9.84 -23.60
C ILE B 322 -11.86 -9.47 -24.98
N MET B 323 -11.84 -10.43 -25.90
CA MET B 323 -12.31 -10.21 -27.27
C MET B 323 -13.70 -10.79 -27.49
N LEU B 324 -14.32 -10.46 -28.62
CA LEU B 324 -15.62 -11.01 -28.95
C LEU B 324 -15.62 -12.53 -28.85
N GLN B 325 -14.46 -13.14 -29.05
CA GLN B 325 -14.32 -14.58 -29.03
C GLN B 325 -14.29 -15.17 -27.62
N ARG B 326 -14.07 -14.32 -26.62
CA ARG B 326 -13.90 -14.79 -25.24
C ARG B 326 -15.20 -14.71 -24.45
N VAL B 327 -16.15 -13.93 -24.93
CA VAL B 327 -17.36 -13.62 -24.16
C VAL B 327 -18.13 -14.84 -23.63
N ASN B 328 -18.46 -15.81 -24.48
CA ASN B 328 -19.20 -16.97 -23.99
C ASN B 328 -18.41 -17.79 -22.95
N GLU B 329 -17.13 -18.05 -23.25
CA GLU B 329 -16.22 -18.65 -22.28
C GLU B 329 -16.32 -17.99 -20.91
N LEU B 330 -16.18 -16.67 -20.89
CA LEU B 330 -16.12 -15.98 -19.61
C LEU B 330 -17.45 -15.99 -18.88
N LEU B 331 -18.55 -15.96 -19.62
CA LEU B 331 -19.86 -16.01 -19.00
C LEU B 331 -20.17 -17.42 -18.51
N ARG B 332 -19.64 -18.41 -19.20
CA ARG B 332 -19.73 -19.79 -18.70
C ARG B 332 -18.91 -19.90 -17.42
N PHE B 333 -17.72 -19.31 -17.44
CA PHE B 333 -16.83 -19.38 -16.31
C PHE B 333 -17.39 -18.69 -15.08
N TYR B 334 -17.82 -17.44 -15.26
CA TYR B 334 -18.20 -16.59 -14.14
C TYR B 334 -19.69 -16.58 -13.82
N GLY B 335 -20.51 -17.10 -14.74
CA GLY B 335 -21.93 -16.88 -14.60
C GLY B 335 -22.20 -15.45 -15.04
N GLN B 336 -23.44 -15.00 -14.88
CA GLN B 336 -23.85 -13.71 -15.42
C GLN B 336 -23.74 -12.55 -14.42
N ASP B 337 -23.42 -12.89 -13.17
CA ASP B 337 -23.19 -11.86 -12.15
C ASP B 337 -21.73 -11.39 -12.22
N VAL B 338 -21.43 -10.68 -13.29
CA VAL B 338 -20.05 -10.30 -13.62
C VAL B 338 -20.12 -9.11 -14.57
N MET B 339 -19.10 -8.26 -14.53
CA MET B 339 -18.97 -7.18 -15.51
C MET B 339 -17.68 -7.37 -16.31
N LEU B 340 -17.81 -7.69 -17.59
CA LEU B 340 -16.63 -7.91 -18.43
C LEU B 340 -16.00 -6.60 -18.89
N LEU B 341 -14.74 -6.40 -18.55
CA LEU B 341 -14.03 -5.19 -18.98
C LEU B 341 -13.29 -5.46 -20.27
N ILE B 342 -13.69 -4.80 -21.35
CA ILE B 342 -12.84 -4.76 -22.54
C ILE B 342 -12.26 -3.36 -22.74
N ARG B 352 -15.29 2.68 -36.21
CA ARG B 352 -16.14 1.51 -35.99
C ARG B 352 -16.23 1.15 -34.50
N LEU B 353 -15.80 2.08 -33.65
CA LEU B 353 -15.78 1.86 -32.21
C LEU B 353 -17.17 1.55 -31.68
N THR B 354 -18.13 2.41 -32.02
CA THR B 354 -19.51 2.20 -31.58
C THR B 354 -20.06 0.89 -32.12
N GLU B 355 -19.75 0.61 -33.39
CA GLU B 355 -20.18 -0.64 -34.01
C GLU B 355 -19.62 -1.87 -33.30
N GLN B 356 -18.30 -1.85 -33.06
CA GLN B 356 -17.63 -2.98 -32.42
C GLN B 356 -18.03 -3.12 -30.96
N ALA B 357 -18.32 -1.99 -30.31
CA ALA B 357 -18.80 -1.99 -28.92
C ALA B 357 -20.19 -2.59 -28.83
N SER B 358 -21.04 -2.23 -29.77
CA SER B 358 -22.38 -2.78 -29.82
C SER B 358 -22.30 -4.29 -30.00
N ARG B 359 -21.37 -4.72 -30.85
CA ARG B 359 -21.17 -6.13 -31.11
C ARG B 359 -20.93 -6.87 -29.81
N PHE B 360 -20.02 -6.33 -29.00
CA PHE B 360 -19.69 -6.93 -27.71
C PHE B 360 -20.89 -6.91 -26.78
N VAL B 361 -21.47 -5.73 -26.60
CA VAL B 361 -22.63 -5.57 -25.75
C VAL B 361 -23.75 -6.55 -26.11
N ASN B 362 -24.05 -6.68 -27.41
CA ASN B 362 -25.11 -7.58 -27.84
C ASN B 362 -24.77 -9.04 -27.61
N LYS B 363 -23.51 -9.39 -27.80
CA LYS B 363 -23.05 -10.74 -27.53
C LYS B 363 -23.29 -11.10 -26.05
N VAL B 364 -22.98 -10.16 -25.17
CA VAL B 364 -23.20 -10.38 -23.75
C VAL B 364 -24.68 -10.50 -23.41
N ALA B 365 -25.49 -9.58 -23.93
CA ALA B 365 -26.92 -9.58 -23.63
C ALA B 365 -27.61 -10.86 -24.09
N ASP B 366 -27.12 -11.44 -25.19
CA ASP B 366 -27.75 -12.61 -25.81
C ASP B 366 -27.40 -13.91 -25.10
N TYR B 367 -26.42 -13.84 -24.21
CA TYR B 367 -25.93 -15.03 -23.53
C TYR B 367 -27.02 -15.71 -22.70
N GLY B 368 -27.17 -17.02 -22.89
CA GLY B 368 -28.07 -17.80 -22.07
C GLY B 368 -29.53 -17.45 -22.28
N GLN B 369 -29.85 -17.02 -23.49
CA GLN B 369 -31.25 -16.86 -23.86
C GLN B 369 -31.55 -17.44 -25.24
N ARG B 370 -32.83 -17.66 -25.49
CA ARG B 370 -33.27 -18.27 -26.73
C ARG B 370 -32.80 -17.48 -27.95
N GLU B 371 -32.28 -18.21 -28.95
CA GLU B 371 -31.87 -17.61 -30.21
C GLU B 371 -33.06 -16.95 -30.89
S SO4 C . 33.66 -7.18 19.19
O1 SO4 C . 32.93 -7.31 17.93
O2 SO4 C . 34.28 -5.88 19.29
O3 SO4 C . 34.71 -8.19 19.25
O4 SO4 C . 32.72 -7.38 20.30
S SO4 D . 24.01 -12.45 2.54
O1 SO4 D . 22.92 -13.35 2.13
O2 SO4 D . 24.62 -11.84 1.37
O3 SO4 D . 24.99 -13.25 3.28
O4 SO4 D . 23.45 -11.42 3.41
S SO4 E . 29.57 12.37 20.61
O1 SO4 E . 29.36 11.79 19.28
O2 SO4 E . 30.64 13.36 20.51
O3 SO4 E . 29.97 11.32 21.55
O4 SO4 E . 28.34 13.01 21.08
S SO4 F . -4.58 -22.48 -14.56
O1 SO4 F . -4.81 -22.99 -15.91
O2 SO4 F . -3.15 -22.18 -14.42
O3 SO4 F . -4.98 -23.46 -13.55
O4 SO4 F . -5.37 -21.27 -14.38
S SO4 G . -17.99 -19.81 -28.49
O1 SO4 G . -18.31 -18.38 -28.44
O2 SO4 G . -17.15 -20.05 -29.67
O3 SO4 G . -19.21 -20.60 -28.60
O4 SO4 G . -17.29 -20.20 -27.27
S SO4 H . -31.81 -7.98 -19.16
O1 SO4 H . -31.37 -8.09 -20.54
O2 SO4 H . -31.65 -6.59 -18.72
O3 SO4 H . -31.02 -8.87 -18.31
O4 SO4 H . -33.21 -8.37 -19.07
#